data_1F62
#
_entry.id   1F62
#
_cell.length_a   1.000
_cell.length_b   1.000
_cell.length_c   1.000
_cell.angle_alpha   90.00
_cell.angle_beta   90.00
_cell.angle_gamma   90.00
#
_symmetry.space_group_name_H-M   'P 1'
#
loop_
_entity.id
_entity.type
_entity.pdbx_description
1 polymer 'TRANSCRIPTION FACTOR WSTF'
2 non-polymer 'ZINC ION'
#
_entity_poly.entity_id   1
_entity_poly.type   'polypeptide(L)'
_entity_poly.pdbx_seq_one_letter_code
;ARCKVCRKKGEDDKLILCDECNKAFHLFCLRPALYEVPDGEWQCPACQPAT
;
_entity_poly.pdbx_strand_id   A
#
loop_
_chem_comp.id
_chem_comp.type
_chem_comp.name
_chem_comp.formula
ZN non-polymer 'ZINC ION' 'Zn 2'
#
# COMPACT_ATOMS: atom_id res chain seq x y z
N ALA A 1 0.44 5.01 9.84
CA ALA A 1 -0.23 4.63 11.10
C ALA A 1 -0.09 3.13 11.35
N ARG A 2 -0.87 2.32 10.62
CA ARG A 2 -0.74 0.87 10.56
C ARG A 2 -0.91 0.38 9.13
N CYS A 3 -0.39 -0.82 8.88
CA CYS A 3 -0.23 -1.42 7.56
C CYS A 3 -0.13 -2.93 7.79
N LYS A 4 -0.86 -3.74 7.02
CA LYS A 4 -0.99 -5.16 7.31
C LYS A 4 0.32 -5.92 7.07
N VAL A 5 1.20 -5.38 6.20
CA VAL A 5 2.54 -5.92 5.97
C VAL A 5 3.41 -5.78 7.23
N CYS A 6 3.81 -4.54 7.57
CA CYS A 6 4.81 -4.30 8.60
C CYS A 6 4.18 -4.20 9.99
N ARG A 7 2.96 -3.67 10.10
CA ARG A 7 2.21 -3.48 11.33
C ARG A 7 3.00 -2.60 12.30
N LYS A 8 3.44 -1.44 11.79
CA LYS A 8 4.38 -0.55 12.45
C LYS A 8 3.99 0.89 12.11
N LYS A 9 4.13 1.80 13.09
CA LYS A 9 4.01 3.23 12.90
C LYS A 9 5.43 3.79 12.69
N GLY A 10 5.62 4.61 11.66
CA GLY A 10 6.88 5.31 11.46
C GLY A 10 6.86 6.08 10.14
N GLU A 11 6.84 5.35 9.02
CA GLU A 11 6.83 5.92 7.68
C GLU A 11 5.39 6.28 7.29
N ASP A 12 4.76 7.12 8.12
CA ASP A 12 3.33 7.43 8.07
C ASP A 12 3.05 8.53 7.05
N ASP A 13 3.42 8.28 5.79
CA ASP A 13 3.42 9.27 4.73
C ASP A 13 2.01 9.47 4.20
N LYS A 14 1.55 8.57 3.33
CA LYS A 14 0.32 8.70 2.57
C LYS A 14 -0.21 7.30 2.27
N LEU A 15 -0.78 6.64 3.28
CA LEU A 15 -1.12 5.23 3.19
C LEU A 15 -2.29 5.02 2.22
N ILE A 16 -2.38 3.79 1.69
CA ILE A 16 -3.27 3.39 0.62
C ILE A 16 -3.93 2.06 1.02
N LEU A 17 -5.27 2.02 0.96
CA LEU A 17 -6.04 0.79 1.10
C LEU A 17 -6.28 0.21 -0.30
N CYS A 18 -6.16 -1.10 -0.43
CA CYS A 18 -6.56 -1.81 -1.63
C CYS A 18 -8.10 -1.78 -1.71
N ASP A 19 -8.63 -1.22 -2.80
CA ASP A 19 -10.07 -1.11 -3.02
C ASP A 19 -10.75 -2.49 -2.91
N GLU A 20 -10.15 -3.49 -3.55
CA GLU A 20 -10.72 -4.82 -3.73
C GLU A 20 -10.95 -5.50 -2.38
N CYS A 21 -9.88 -5.72 -1.61
CA CYS A 21 -9.87 -6.54 -0.41
C CYS A 21 -9.47 -5.79 0.86
N ASN A 22 -9.52 -4.44 0.85
CA ASN A 22 -9.39 -3.57 2.00
C ASN A 22 -8.19 -3.89 2.89
N LYS A 23 -7.04 -4.21 2.28
CA LYS A 23 -5.77 -4.33 2.97
C LYS A 23 -5.07 -2.97 2.98
N ALA A 24 -4.81 -2.44 4.19
CA ALA A 24 -4.04 -1.21 4.39
C ALA A 24 -2.56 -1.46 4.13
N PHE A 25 -1.95 -0.57 3.35
CA PHE A 25 -0.61 -0.71 2.81
C PHE A 25 0.06 0.66 2.79
N HIS A 26 1.37 0.72 3.07
CA HIS A 26 2.15 1.92 2.82
C HIS A 26 2.48 1.92 1.34
N LEU A 27 2.72 3.10 0.76
CA LEU A 27 3.26 3.20 -0.59
C LEU A 27 4.60 2.47 -0.68
N PHE A 28 5.47 2.65 0.32
CA PHE A 28 6.69 1.87 0.49
C PHE A 28 6.45 0.36 0.40
N CYS A 29 5.55 -0.17 1.23
CA CYS A 29 5.31 -1.61 1.38
C CYS A 29 4.65 -2.19 0.11
N LEU A 30 3.81 -1.39 -0.56
CA LEU A 30 3.25 -1.69 -1.86
C LEU A 30 4.39 -1.88 -2.87
N ARG A 31 5.24 -0.87 -2.99
CA ARG A 31 6.33 -0.84 -3.97
C ARG A 31 7.40 0.13 -3.46
N PRO A 32 8.66 -0.30 -3.27
CA PRO A 32 9.68 0.49 -2.60
C PRO A 32 10.01 1.82 -3.30
N ALA A 33 9.83 1.87 -4.63
CA ALA A 33 10.02 3.08 -5.43
C ALA A 33 8.87 4.09 -5.26
N LEU A 34 7.69 3.65 -4.84
CA LEU A 34 6.47 4.43 -4.85
C LEU A 34 6.40 5.29 -3.58
N TYR A 35 6.24 6.60 -3.75
CA TYR A 35 6.23 7.60 -2.68
C TYR A 35 5.01 8.51 -2.74
N GLU A 36 4.44 8.70 -3.93
CA GLU A 36 3.22 9.47 -4.15
C GLU A 36 2.07 8.52 -4.52
N VAL A 37 0.83 8.99 -4.32
CA VAL A 37 -0.37 8.15 -4.41
C VAL A 37 -0.65 7.83 -5.89
N PRO A 38 -0.96 6.56 -6.22
CA PRO A 38 -1.46 6.19 -7.53
C PRO A 38 -2.98 6.27 -7.53
N ASP A 39 -3.52 7.35 -8.10
CA ASP A 39 -4.95 7.50 -8.34
C ASP A 39 -5.38 6.62 -9.52
N GLY A 40 -5.32 5.30 -9.33
CA GLY A 40 -5.53 4.32 -10.37
C GLY A 40 -5.29 2.93 -9.80
N GLU A 41 -4.04 2.65 -9.39
CA GLU A 41 -3.66 1.42 -8.71
C GLU A 41 -4.09 1.50 -7.24
N TRP A 42 -5.40 1.47 -7.00
CA TRP A 42 -5.97 1.30 -5.68
C TRP A 42 -5.98 -0.19 -5.33
N GLN A 43 -4.78 -0.76 -5.23
CA GLN A 43 -4.57 -2.19 -5.12
C GLN A 43 -3.40 -2.49 -4.17
N CYS A 44 -3.19 -3.79 -3.90
CA CYS A 44 -2.03 -4.33 -3.22
C CYS A 44 -1.39 -5.38 -4.13
N PRO A 45 -0.10 -5.75 -3.91
CA PRO A 45 0.70 -6.56 -4.83
C PRO A 45 0.03 -7.84 -5.34
N ALA A 46 -0.80 -8.49 -4.51
CA ALA A 46 -1.47 -9.74 -4.86
C ALA A 46 -2.50 -9.48 -5.96
N CYS A 47 -3.23 -8.37 -5.83
CA CYS A 47 -4.29 -7.98 -6.75
C CYS A 47 -3.73 -7.35 -8.03
N GLN A 48 -2.54 -6.74 -7.95
CA GLN A 48 -1.90 -6.07 -9.08
C GLN A 48 -1.45 -7.12 -10.11
N PRO A 49 -1.69 -6.87 -11.41
CA PRO A 49 -1.51 -7.86 -12.46
C PRO A 49 -0.03 -8.17 -12.68
N ALA A 50 0.27 -9.38 -13.17
CA ALA A 50 1.61 -9.79 -13.57
C ALA A 50 1.94 -9.23 -14.96
N THR A 51 2.09 -7.90 -15.04
CA THR A 51 2.51 -7.18 -16.23
C THR A 51 3.55 -6.13 -15.83
ZN ZN B . 3.80 -0.89 5.95
ZN ZN C . -5.88 -6.45 -2.64
N ALA A 1 -1.90 5.08 9.55
CA ALA A 1 -2.27 4.55 10.88
C ALA A 1 -1.69 3.15 11.10
N ARG A 2 -2.06 2.20 10.22
CA ARG A 2 -1.78 0.78 10.41
C ARG A 2 -1.60 0.11 9.05
N CYS A 3 -0.86 -1.00 9.01
CA CYS A 3 -0.39 -1.65 7.79
C CYS A 3 -0.28 -3.15 8.04
N LYS A 4 -0.54 -3.95 7.00
CA LYS A 4 -0.39 -5.40 7.07
C LYS A 4 1.08 -5.79 7.22
N VAL A 5 1.93 -5.22 6.38
CA VAL A 5 3.33 -5.58 6.20
C VAL A 5 4.12 -5.29 7.47
N CYS A 6 4.43 -4.01 7.72
CA CYS A 6 5.23 -3.61 8.87
C CYS A 6 4.41 -3.65 10.15
N ARG A 7 3.17 -3.12 10.10
CA ARG A 7 2.33 -2.89 11.26
C ARG A 7 3.06 -1.98 12.27
N LYS A 8 3.58 -0.85 11.76
CA LYS A 8 4.29 0.16 12.53
C LYS A 8 3.89 1.54 12.00
N LYS A 9 4.10 2.58 12.81
CA LYS A 9 3.97 3.96 12.39
C LYS A 9 5.30 4.40 11.76
N GLY A 10 5.23 5.13 10.64
CA GLY A 10 6.38 5.79 10.06
C GLY A 10 5.92 6.80 9.00
N GLU A 11 5.63 6.31 7.79
CA GLU A 11 5.39 7.13 6.61
C GLU A 11 3.89 7.33 6.36
N ASP A 12 3.15 7.70 7.42
CA ASP A 12 1.69 7.73 7.42
C ASP A 12 1.18 9.07 6.87
N ASP A 13 1.57 9.40 5.63
CA ASP A 13 1.08 10.56 4.90
C ASP A 13 -0.36 10.34 4.45
N LYS A 14 -0.55 9.32 3.61
CA LYS A 14 -1.82 8.94 3.01
C LYS A 14 -1.69 7.49 2.57
N LEU A 15 -2.19 6.57 3.40
CA LEU A 15 -1.95 5.15 3.22
C LEU A 15 -2.70 4.65 1.97
N ILE A 16 -2.07 3.71 1.28
CA ILE A 16 -2.46 3.22 -0.02
C ILE A 16 -3.21 1.90 0.19
N LEU A 17 -4.46 2.03 0.65
CA LEU A 17 -5.35 0.90 0.85
C LEU A 17 -5.73 0.35 -0.52
N CYS A 18 -5.72 -0.99 -0.66
CA CYS A 18 -5.85 -1.62 -1.97
C CYS A 18 -7.25 -1.42 -2.55
N ASP A 19 -7.32 -1.12 -3.85
CA ASP A 19 -8.58 -0.87 -4.54
C ASP A 19 -9.52 -2.08 -4.46
N GLU A 20 -8.98 -3.26 -4.78
CA GLU A 20 -9.73 -4.49 -4.98
C GLU A 20 -10.20 -5.08 -3.65
N CYS A 21 -9.27 -5.30 -2.72
CA CYS A 21 -9.49 -6.06 -1.48
C CYS A 21 -9.24 -5.26 -0.21
N ASN A 22 -8.90 -3.96 -0.29
CA ASN A 22 -8.84 -3.04 0.84
C ASN A 22 -7.87 -3.48 1.94
N LYS A 23 -6.79 -4.17 1.56
CA LYS A 23 -5.68 -4.48 2.43
C LYS A 23 -4.86 -3.21 2.65
N ALA A 24 -4.41 -2.99 3.89
CA ALA A 24 -3.79 -1.73 4.32
C ALA A 24 -2.28 -1.79 4.11
N PHE A 25 -1.73 -0.71 3.54
CA PHE A 25 -0.35 -0.64 3.09
C PHE A 25 0.13 0.82 3.06
N HIS A 26 1.43 1.01 3.26
CA HIS A 26 2.11 2.27 3.02
C HIS A 26 2.67 2.21 1.58
N LEU A 27 3.21 3.33 1.12
CA LEU A 27 3.68 3.54 -0.25
C LEU A 27 4.62 2.41 -0.66
N PHE A 28 5.68 2.23 0.13
CA PHE A 28 6.71 1.23 -0.10
C PHE A 28 6.17 -0.18 0.11
N CYS A 29 5.40 -0.37 1.20
CA CYS A 29 4.98 -1.67 1.66
C CYS A 29 4.10 -2.38 0.61
N LEU A 30 3.24 -1.63 -0.09
CA LEU A 30 2.51 -2.19 -1.23
C LEU A 30 3.50 -2.66 -2.29
N ARG A 31 4.26 -1.73 -2.87
CA ARG A 31 5.38 -2.07 -3.74
C ARG A 31 6.38 -0.90 -3.78
N PRO A 32 7.69 -1.18 -3.69
CA PRO A 32 8.73 -0.16 -3.54
C PRO A 32 8.76 0.80 -4.73
N ALA A 33 8.43 0.29 -5.93
CA ALA A 33 8.24 1.07 -7.14
C ALA A 33 7.43 2.35 -6.91
N LEU A 34 6.38 2.27 -6.07
CA LEU A 34 5.67 3.44 -5.59
C LEU A 34 6.44 4.03 -4.41
N TYR A 35 7.35 4.97 -4.71
CA TYR A 35 8.02 5.81 -3.74
C TYR A 35 7.13 6.98 -3.31
N GLU A 36 6.11 7.31 -4.11
CA GLU A 36 5.25 8.47 -4.00
C GLU A 36 3.78 8.01 -4.04
N VAL A 37 2.86 8.88 -3.57
CA VAL A 37 1.46 8.54 -3.41
C VAL A 37 0.74 8.52 -4.76
N PRO A 38 -0.28 7.66 -4.91
CA PRO A 38 -1.21 7.72 -6.04
C PRO A 38 -2.50 8.38 -5.51
N ASP A 39 -3.59 8.33 -6.30
CA ASP A 39 -4.91 8.72 -5.83
C ASP A 39 -5.61 7.53 -5.16
N GLY A 40 -4.93 6.92 -4.17
CA GLY A 40 -5.49 5.92 -3.27
C GLY A 40 -5.59 4.54 -3.92
N GLU A 41 -6.49 4.42 -4.90
CA GLU A 41 -6.89 3.16 -5.51
C GLU A 41 -5.74 2.55 -6.32
N TRP A 42 -5.25 1.37 -5.91
CA TRP A 42 -4.24 0.61 -6.63
C TRP A 42 -4.20 -0.84 -6.17
N GLN A 43 -3.79 -1.74 -7.07
CA GLN A 43 -3.76 -3.18 -6.86
C GLN A 43 -2.47 -3.62 -6.15
N CYS A 44 -2.60 -4.47 -5.13
CA CYS A 44 -1.53 -4.87 -4.21
C CYS A 44 -0.80 -6.12 -4.74
N PRO A 45 0.22 -6.63 -4.03
CA PRO A 45 0.96 -7.82 -4.46
C PRO A 45 0.13 -9.09 -4.62
N ALA A 46 -0.98 -9.22 -3.88
CA ALA A 46 -1.91 -10.33 -4.03
C ALA A 46 -2.60 -10.23 -5.39
N CYS A 47 -3.06 -9.03 -5.75
CA CYS A 47 -3.85 -8.79 -6.93
C CYS A 47 -2.99 -8.87 -8.19
N GLN A 48 -1.85 -8.17 -8.17
CA GLN A 48 -0.78 -8.24 -9.15
C GLN A 48 0.42 -8.96 -8.52
N PRO A 49 0.65 -10.24 -8.84
CA PRO A 49 1.88 -10.96 -8.49
C PRO A 49 3.13 -10.28 -9.05
N ALA A 50 3.64 -9.30 -8.31
CA ALA A 50 4.70 -8.39 -8.74
C ALA A 50 5.17 -7.57 -7.55
N THR A 51 6.37 -7.01 -7.65
CA THR A 51 6.92 -6.01 -6.73
C THR A 51 6.93 -4.64 -7.41
ZN ZN B . 3.70 -0.46 6.21
ZN ZN C . -5.29 -6.28 -3.30
N ALA A 1 -2.55 5.99 12.25
CA ALA A 1 -2.80 4.77 11.48
C ALA A 1 -1.68 3.74 11.73
N ARG A 2 -1.81 2.55 11.16
CA ARG A 2 -0.76 1.56 11.11
C ARG A 2 -0.92 0.70 9.86
N CYS A 3 0.19 0.14 9.37
CA CYS A 3 0.20 -0.75 8.21
C CYS A 3 -0.17 -2.17 8.64
N LYS A 4 -0.73 -2.93 7.71
CA LYS A 4 -1.01 -4.35 7.85
C LYS A 4 0.23 -5.19 7.52
N VAL A 5 0.91 -4.83 6.43
CA VAL A 5 1.98 -5.63 5.85
C VAL A 5 3.21 -5.64 6.77
N CYS A 6 3.93 -4.52 6.86
CA CYS A 6 5.08 -4.39 7.75
C CYS A 6 4.67 -4.31 9.23
N ARG A 7 3.37 -4.11 9.52
CA ARG A 7 2.80 -4.23 10.85
C ARG A 7 3.50 -3.22 11.78
N LYS A 8 3.30 -1.93 11.49
CA LYS A 8 4.07 -0.86 12.11
C LYS A 8 3.33 0.47 12.02
N LYS A 9 3.52 1.29 13.07
CA LYS A 9 3.12 2.69 13.13
C LYS A 9 4.41 3.51 13.31
N GLY A 10 4.40 4.76 12.81
CA GLY A 10 5.53 5.67 12.90
C GLY A 10 5.59 6.50 11.63
N GLU A 11 5.72 5.81 10.49
CA GLU A 11 5.60 6.39 9.16
C GLU A 11 4.12 6.60 8.82
N ASP A 12 3.43 7.46 9.60
CA ASP A 12 2.08 7.92 9.33
C ASP A 12 2.12 8.98 8.23
N ASP A 13 2.62 8.60 7.06
CA ASP A 13 2.87 9.48 5.93
C ASP A 13 1.59 9.61 5.12
N LYS A 14 1.28 8.54 4.37
CA LYS A 14 0.07 8.42 3.56
C LYS A 14 -0.14 6.94 3.28
N LEU A 15 -0.75 6.23 4.24
CA LEU A 15 -1.10 4.83 4.08
C LEU A 15 -2.24 4.71 3.08
N ILE A 16 -2.19 3.63 2.28
CA ILE A 16 -3.03 3.38 1.13
C ILE A 16 -3.69 2.01 1.30
N LEU A 17 -4.99 2.01 1.61
CA LEU A 17 -5.80 0.81 1.63
C LEU A 17 -6.03 0.33 0.19
N CYS A 18 -5.86 -0.97 -0.04
CA CYS A 18 -6.24 -1.61 -1.29
C CYS A 18 -7.76 -1.64 -1.40
N ASP A 19 -8.30 -1.22 -2.55
CA ASP A 19 -9.73 -1.12 -2.78
C ASP A 19 -10.40 -2.49 -2.63
N GLU A 20 -9.88 -3.47 -3.35
CA GLU A 20 -10.51 -4.79 -3.51
C GLU A 20 -10.63 -5.52 -2.17
N CYS A 21 -9.52 -5.66 -1.43
CA CYS A 21 -9.44 -6.52 -0.25
C CYS A 21 -9.10 -5.79 1.04
N ASN A 22 -9.08 -4.45 1.05
CA ASN A 22 -8.98 -3.62 2.25
C ASN A 22 -7.79 -4.03 3.12
N LYS A 23 -6.60 -3.99 2.52
CA LYS A 23 -5.33 -4.18 3.20
C LYS A 23 -4.60 -2.85 3.24
N ALA A 24 -4.25 -2.39 4.46
CA ALA A 24 -3.43 -1.21 4.67
C ALA A 24 -2.00 -1.50 4.25
N PHE A 25 -1.60 -1.00 3.07
CA PHE A 25 -0.23 -0.99 2.59
C PHE A 25 0.30 0.44 2.67
N HIS A 26 1.61 0.63 2.84
CA HIS A 26 2.24 1.93 2.64
C HIS A 26 2.51 2.05 1.15
N LEU A 27 2.81 3.27 0.68
CA LEU A 27 3.33 3.52 -0.65
C LEU A 27 4.60 2.69 -0.87
N PHE A 28 5.43 2.58 0.18
CA PHE A 28 6.60 1.72 0.23
C PHE A 28 6.23 0.25 0.00
N CYS A 29 5.26 -0.26 0.78
CA CYS A 29 4.91 -1.68 0.84
C CYS A 29 4.27 -2.15 -0.46
N LEU A 30 3.52 -1.28 -1.14
CA LEU A 30 3.04 -1.56 -2.50
C LEU A 30 4.23 -1.91 -3.39
N ARG A 31 5.08 -0.91 -3.63
CA ARG A 31 6.22 -1.01 -4.53
C ARG A 31 7.05 0.26 -4.31
N PRO A 32 8.33 0.15 -3.91
CA PRO A 32 9.12 1.29 -3.48
C PRO A 32 9.24 2.35 -4.58
N ALA A 33 9.31 1.93 -5.85
CA ALA A 33 9.26 2.80 -7.02
C ALA A 33 8.12 3.81 -6.95
N LEU A 34 6.94 3.36 -6.52
CA LEU A 34 5.82 4.23 -6.19
C LEU A 34 6.06 4.88 -4.83
N TYR A 35 7.00 5.84 -4.79
CA TYR A 35 7.20 6.71 -3.65
C TYR A 35 6.00 7.66 -3.57
N GLU A 36 5.62 8.20 -4.74
CA GLU A 36 4.39 8.96 -4.96
C GLU A 36 3.18 8.03 -4.97
N VAL A 37 1.98 8.62 -4.84
CA VAL A 37 0.72 7.90 -4.90
C VAL A 37 0.40 7.46 -6.34
N PRO A 38 -0.17 6.26 -6.55
CA PRO A 38 -0.71 5.88 -7.84
C PRO A 38 -2.09 6.49 -8.02
N ASP A 39 -2.27 7.30 -9.07
CA ASP A 39 -3.45 8.12 -9.27
C ASP A 39 -4.56 7.34 -9.98
N GLY A 40 -4.93 6.18 -9.44
CA GLY A 40 -6.10 5.45 -9.89
C GLY A 40 -6.25 4.12 -9.14
N GLU A 41 -5.65 3.07 -9.69
CA GLU A 41 -5.85 1.69 -9.26
C GLU A 41 -5.07 1.44 -7.97
N TRP A 42 -5.69 1.73 -6.83
CA TRP A 42 -5.19 1.38 -5.51
C TRP A 42 -5.40 -0.12 -5.29
N GLN A 43 -4.51 -0.91 -5.87
CA GLN A 43 -4.53 -2.37 -5.86
C GLN A 43 -3.14 -2.87 -5.46
N CYS A 44 -3.10 -3.86 -4.56
CA CYS A 44 -1.88 -4.32 -3.92
C CYS A 44 -1.24 -5.47 -4.71
N PRO A 45 0.04 -5.80 -4.43
CA PRO A 45 0.70 -6.99 -4.93
C PRO A 45 -0.05 -8.31 -4.75
N ALA A 46 -0.92 -8.44 -3.74
CA ALA A 46 -1.71 -9.64 -3.57
C ALA A 46 -2.71 -9.79 -4.70
N CYS A 47 -3.29 -8.67 -5.16
CA CYS A 47 -4.17 -8.64 -6.31
C CYS A 47 -3.37 -8.78 -7.61
N GLN A 48 -2.36 -7.90 -7.78
CA GLN A 48 -1.63 -7.71 -9.01
C GLN A 48 -0.12 -7.77 -8.72
N PRO A 49 0.46 -8.98 -8.59
CA PRO A 49 1.87 -9.15 -8.25
C PRO A 49 2.76 -8.73 -9.42
N ALA A 50 2.55 -9.36 -10.59
CA ALA A 50 3.34 -9.16 -11.79
C ALA A 50 2.45 -9.58 -12.96
N THR A 51 1.39 -8.80 -13.20
CA THR A 51 0.30 -9.13 -14.11
C THR A 51 -0.19 -7.83 -14.75
ZN ZN B . 3.90 -0.74 5.71
ZN ZN C . -5.55 -6.18 -2.68
N ALA A 1 -0.99 4.68 9.91
CA ALA A 1 -1.57 3.78 10.92
C ALA A 1 -0.89 2.41 10.90
N ARG A 2 -1.35 1.48 11.74
CA ARG A 2 -0.83 0.12 11.83
C ARG A 2 -1.20 -0.67 10.57
N CYS A 3 -0.31 -0.61 9.59
CA CYS A 3 -0.43 -1.31 8.31
C CYS A 3 -0.26 -2.81 8.50
N LYS A 4 -1.01 -3.60 7.72
CA LYS A 4 -0.98 -5.06 7.74
C LYS A 4 0.43 -5.60 7.50
N VAL A 5 1.07 -5.12 6.43
CA VAL A 5 2.32 -5.67 5.92
C VAL A 5 3.42 -5.43 6.95
N CYS A 6 3.82 -4.17 7.12
CA CYS A 6 5.00 -3.82 7.91
C CYS A 6 4.74 -3.94 9.41
N ARG A 7 3.48 -3.72 9.86
CA ARG A 7 3.13 -3.58 11.26
C ARG A 7 4.00 -2.52 11.92
N LYS A 8 3.94 -1.30 11.36
CA LYS A 8 4.61 -0.12 11.86
C LYS A 8 3.65 1.07 11.72
N LYS A 9 3.91 2.11 12.52
CA LYS A 9 3.28 3.41 12.40
C LYS A 9 4.38 4.46 12.50
N GLY A 10 4.90 4.90 11.36
CA GLY A 10 5.92 5.93 11.29
C GLY A 10 5.98 6.50 9.88
N GLU A 11 6.02 5.62 8.88
CA GLU A 11 6.06 5.97 7.46
C GLU A 11 4.65 6.30 6.93
N ASP A 12 3.87 7.06 7.71
CA ASP A 12 2.48 7.39 7.39
C ASP A 12 2.44 8.58 6.42
N ASP A 13 3.05 8.42 5.24
CA ASP A 13 2.95 9.35 4.13
C ASP A 13 1.52 9.35 3.59
N LYS A 14 1.06 8.17 3.15
CA LYS A 14 -0.24 7.94 2.56
C LYS A 14 -0.46 6.43 2.49
N LEU A 15 -1.33 5.92 3.36
CA LEU A 15 -1.82 4.56 3.28
C LEU A 15 -2.73 4.45 2.06
N ILE A 16 -2.25 3.75 1.03
CA ILE A 16 -3.01 3.38 -0.15
C ILE A 16 -3.57 1.97 0.05
N LEU A 17 -4.83 1.91 0.51
CA LEU A 17 -5.52 0.65 0.71
C LEU A 17 -5.81 0.01 -0.64
N CYS A 18 -5.85 -1.33 -0.69
CA CYS A 18 -6.33 -2.04 -1.87
C CYS A 18 -7.85 -2.01 -1.85
N ASP A 19 -8.49 -1.52 -2.92
CA ASP A 19 -9.93 -1.43 -3.03
C ASP A 19 -10.57 -2.82 -2.94
N GLU A 20 -10.05 -3.75 -3.76
CA GLU A 20 -10.61 -5.07 -4.00
C GLU A 20 -10.81 -5.83 -2.69
N CYS A 21 -9.73 -6.05 -1.94
CA CYS A 21 -9.76 -6.85 -0.72
C CYS A 21 -9.94 -6.00 0.54
N ASN A 22 -9.69 -4.68 0.47
CA ASN A 22 -9.85 -3.74 1.59
C ASN A 22 -8.85 -4.00 2.70
N LYS A 23 -7.58 -4.25 2.34
CA LYS A 23 -6.43 -4.34 3.23
C LYS A 23 -5.55 -3.11 3.07
N ALA A 24 -4.75 -2.82 4.10
CA ALA A 24 -3.99 -1.60 4.28
C ALA A 24 -2.53 -1.79 3.88
N PHE A 25 -1.99 -0.82 3.14
CA PHE A 25 -0.69 -0.87 2.48
C PHE A 25 -0.17 0.56 2.36
N HIS A 26 1.04 0.83 2.87
CA HIS A 26 1.70 2.09 2.57
C HIS A 26 2.22 2.03 1.13
N LEU A 27 2.60 3.17 0.56
CA LEU A 27 3.30 3.26 -0.72
C LEU A 27 4.51 2.30 -0.73
N PHE A 28 5.32 2.40 0.32
CA PHE A 28 6.51 1.57 0.54
C PHE A 28 6.18 0.08 0.45
N CYS A 29 5.03 -0.33 1.03
CA CYS A 29 4.65 -1.72 1.15
C CYS A 29 4.23 -2.31 -0.19
N LEU A 30 3.78 -1.46 -1.13
CA LEU A 30 3.56 -1.87 -2.52
C LEU A 30 4.93 -2.11 -3.16
N ARG A 31 5.79 -1.09 -3.13
CA ARG A 31 7.20 -1.19 -3.49
C ARG A 31 7.95 -0.01 -2.87
N PRO A 32 9.18 -0.23 -2.35
CA PRO A 32 9.90 0.77 -1.55
C PRO A 32 10.12 2.07 -2.32
N ALA A 33 10.40 1.97 -3.63
CA ALA A 33 10.71 3.10 -4.48
C ALA A 33 9.47 3.79 -5.03
N LEU A 34 8.26 3.48 -4.53
CA LEU A 34 7.06 4.24 -4.83
C LEU A 34 7.07 5.52 -4.00
N TYR A 35 7.66 6.57 -4.57
CA TYR A 35 7.61 7.93 -4.04
C TYR A 35 6.41 8.68 -4.65
N GLU A 36 5.91 8.21 -5.79
CA GLU A 36 4.71 8.70 -6.44
C GLU A 36 3.49 8.30 -5.60
N VAL A 37 2.38 9.06 -5.71
CA VAL A 37 1.20 8.89 -4.89
C VAL A 37 -0.01 8.69 -5.82
N PRO A 38 -0.39 7.44 -6.13
CA PRO A 38 -1.53 7.15 -6.97
C PRO A 38 -2.72 6.82 -6.08
N ASP A 39 -3.34 7.86 -5.48
CA ASP A 39 -4.55 7.69 -4.69
C ASP A 39 -5.75 7.48 -5.61
N GLY A 40 -5.74 6.36 -6.32
CA GLY A 40 -6.64 6.03 -7.40
C GLY A 40 -6.44 4.57 -7.81
N GLU A 41 -5.18 4.18 -8.04
CA GLU A 41 -4.78 2.81 -8.34
C GLU A 41 -4.72 2.00 -7.04
N TRP A 42 -5.87 1.86 -6.37
CA TRP A 42 -6.01 1.17 -5.09
C TRP A 42 -5.96 -0.34 -5.33
N GLN A 43 -4.74 -0.87 -5.41
CA GLN A 43 -4.44 -2.29 -5.57
C GLN A 43 -3.29 -2.67 -4.64
N CYS A 44 -3.06 -3.99 -4.51
CA CYS A 44 -1.90 -4.57 -3.87
C CYS A 44 -1.40 -5.75 -4.71
N PRO A 45 -0.11 -6.09 -4.66
CA PRO A 45 0.50 -7.08 -5.55
C PRO A 45 0.03 -8.52 -5.28
N ALA A 46 -0.80 -8.73 -4.25
CA ALA A 46 -1.49 -10.00 -4.03
C ALA A 46 -2.65 -10.12 -5.02
N CYS A 47 -3.46 -9.06 -5.14
CA CYS A 47 -4.60 -9.01 -6.05
C CYS A 47 -4.12 -8.79 -7.48
N GLN A 48 -3.40 -7.69 -7.71
CA GLN A 48 -2.87 -7.30 -9.01
C GLN A 48 -1.68 -8.21 -9.35
N PRO A 49 -1.61 -8.77 -10.57
CA PRO A 49 -0.41 -9.44 -11.05
C PRO A 49 0.81 -8.53 -11.05
N ALA A 50 1.91 -8.99 -10.43
CA ALA A 50 3.09 -8.20 -10.16
C ALA A 50 4.27 -9.13 -9.95
N THR A 51 5.43 -8.78 -10.52
CA THR A 51 6.67 -9.55 -10.45
C THR A 51 7.84 -8.58 -10.32
ZN ZN B . 2.99 -0.56 5.78
ZN ZN C . -5.78 -6.50 -2.57
N ALA A 1 1.46 4.46 10.22
CA ALA A 1 0.17 3.92 10.71
C ALA A 1 0.12 2.39 10.51
N ARG A 2 -0.96 1.78 11.02
CA ARG A 2 -1.09 0.33 11.14
C ARG A 2 -1.40 -0.29 9.77
N CYS A 3 -0.34 -0.48 8.99
CA CYS A 3 -0.27 -1.24 7.75
C CYS A 3 -0.43 -2.73 8.06
N LYS A 4 -0.85 -3.55 7.09
CA LYS A 4 -0.94 -4.99 7.27
C LYS A 4 0.46 -5.62 7.28
N VAL A 5 1.32 -5.19 6.37
CA VAL A 5 2.67 -5.72 6.17
C VAL A 5 3.51 -5.53 7.43
N CYS A 6 3.84 -4.27 7.76
CA CYS A 6 4.80 -3.93 8.81
C CYS A 6 4.09 -3.59 10.12
N ARG A 7 3.05 -2.76 10.04
CA ARG A 7 2.10 -2.48 11.11
C ARG A 7 2.64 -1.59 12.24
N LYS A 8 3.91 -1.17 12.18
CA LYS A 8 4.45 -0.17 13.08
C LYS A 8 3.85 1.21 12.80
N LYS A 9 3.87 2.08 13.81
CA LYS A 9 3.57 3.50 13.66
C LYS A 9 4.90 4.24 13.47
N GLY A 10 4.84 5.46 12.91
CA GLY A 10 6.01 6.27 12.62
C GLY A 10 5.89 6.82 11.21
N GLU A 11 5.78 5.93 10.22
CA GLU A 11 5.51 6.27 8.84
C GLU A 11 4.01 6.53 8.68
N ASP A 12 3.51 7.57 9.36
CA ASP A 12 2.16 8.09 9.20
C ASP A 12 2.14 9.05 8.01
N ASP A 13 2.56 8.53 6.83
CA ASP A 13 2.82 9.30 5.64
C ASP A 13 1.52 9.51 4.87
N LYS A 14 1.11 8.49 4.11
CA LYS A 14 -0.10 8.47 3.29
C LYS A 14 -0.33 7.05 2.80
N LEU A 15 -0.91 6.21 3.67
CA LEU A 15 -1.16 4.81 3.38
C LEU A 15 -2.27 4.67 2.34
N ILE A 16 -2.37 3.47 1.77
CA ILE A 16 -3.19 3.16 0.61
C ILE A 16 -3.79 1.77 0.81
N LEU A 17 -5.12 1.66 0.72
CA LEU A 17 -5.87 0.46 1.01
C LEU A 17 -6.30 -0.18 -0.30
N CYS A 18 -6.18 -1.52 -0.40
CA CYS A 18 -6.76 -2.25 -1.50
C CYS A 18 -8.29 -2.24 -1.36
N ASP A 19 -8.97 -1.68 -2.36
CA ASP A 19 -10.43 -1.58 -2.38
C ASP A 19 -11.08 -2.95 -2.22
N GLU A 20 -10.60 -3.91 -3.02
CA GLU A 20 -11.20 -5.23 -3.18
C GLU A 20 -11.25 -5.99 -1.86
N CYS A 21 -10.08 -6.27 -1.27
CA CYS A 21 -9.93 -7.18 -0.15
C CYS A 21 -9.32 -6.52 1.10
N ASN A 22 -9.36 -5.18 1.19
CA ASN A 22 -9.03 -4.42 2.40
C ASN A 22 -7.64 -4.78 2.93
N LYS A 23 -6.60 -4.37 2.21
CA LYS A 23 -5.21 -4.53 2.59
C LYS A 23 -4.59 -3.15 2.68
N ALA A 24 -4.43 -2.64 3.91
CA ALA A 24 -3.71 -1.41 4.19
C ALA A 24 -2.21 -1.62 3.94
N PHE A 25 -1.63 -0.72 3.15
CA PHE A 25 -0.28 -0.84 2.60
C PHE A 25 0.35 0.54 2.57
N HIS A 26 1.68 0.61 2.77
CA HIS A 26 2.42 1.83 2.50
C HIS A 26 2.85 1.80 1.04
N LEU A 27 3.13 2.97 0.49
CA LEU A 27 3.75 3.14 -0.81
C LEU A 27 5.04 2.31 -0.91
N PHE A 28 5.87 2.37 0.15
CA PHE A 28 7.13 1.65 0.23
C PHE A 28 6.89 0.13 0.22
N CYS A 29 5.96 -0.33 1.08
CA CYS A 29 5.64 -1.74 1.26
C CYS A 29 5.14 -2.36 -0.06
N LEU A 30 4.42 -1.59 -0.88
CA LEU A 30 4.07 -2.00 -2.24
C LEU A 30 5.35 -2.18 -3.05
N ARG A 31 6.00 -1.07 -3.44
CA ARG A 31 7.20 -1.06 -4.27
C ARG A 31 8.02 0.19 -3.93
N PRO A 32 9.35 0.16 -4.13
CA PRO A 32 10.17 1.36 -4.05
C PRO A 32 9.79 2.36 -5.15
N ALA A 33 9.46 1.87 -6.35
CA ALA A 33 8.94 2.66 -7.46
C ALA A 33 7.81 3.58 -7.05
N LEU A 34 6.90 3.08 -6.20
CA LEU A 34 5.90 3.91 -5.54
C LEU A 34 6.57 4.65 -4.40
N TYR A 35 7.20 5.79 -4.72
CA TYR A 35 7.71 6.75 -3.76
C TYR A 35 6.54 7.59 -3.22
N GLU A 36 5.81 8.22 -4.16
CA GLU A 36 4.62 9.00 -3.91
C GLU A 36 3.37 8.24 -4.39
N VAL A 37 2.19 8.78 -4.03
CA VAL A 37 0.92 8.09 -4.19
C VAL A 37 0.54 7.92 -5.66
N PRO A 38 -0.08 6.79 -6.04
CA PRO A 38 -0.68 6.64 -7.36
C PRO A 38 -2.02 7.36 -7.37
N ASP A 39 -2.10 8.47 -8.10
CA ASP A 39 -3.33 9.24 -8.29
C ASP A 39 -4.24 8.53 -9.30
N GLY A 40 -4.74 7.35 -8.92
CA GLY A 40 -5.69 6.58 -9.70
C GLY A 40 -6.06 5.30 -8.96
N GLU A 41 -6.87 4.45 -9.61
CA GLU A 41 -7.29 3.17 -9.06
C GLU A 41 -6.08 2.24 -8.88
N TRP A 42 -6.07 1.47 -7.79
CA TRP A 42 -4.92 0.69 -7.37
C TRP A 42 -5.38 -0.42 -6.41
N GLN A 43 -4.63 -1.53 -6.38
CA GLN A 43 -4.85 -2.66 -5.50
C GLN A 43 -3.51 -3.19 -5.00
N CYS A 44 -3.54 -4.04 -3.97
CA CYS A 44 -2.36 -4.73 -3.45
C CYS A 44 -1.89 -5.79 -4.46
N PRO A 45 -0.60 -6.15 -4.45
CA PRO A 45 -0.02 -7.01 -5.47
C PRO A 45 -0.48 -8.47 -5.37
N ALA A 46 -1.26 -8.82 -4.34
CA ALA A 46 -1.93 -10.11 -4.25
C ALA A 46 -3.03 -10.18 -5.32
N CYS A 47 -3.77 -9.08 -5.52
CA CYS A 47 -4.74 -8.96 -6.58
C CYS A 47 -4.04 -8.88 -7.95
N GLN A 48 -3.03 -7.99 -8.06
CA GLN A 48 -2.33 -7.72 -9.30
C GLN A 48 -0.83 -8.04 -9.18
N PRO A 49 -0.42 -9.28 -9.47
CA PRO A 49 0.99 -9.64 -9.62
C PRO A 49 1.64 -8.92 -10.80
N ALA A 50 2.09 -7.67 -10.56
CA ALA A 50 2.88 -6.88 -11.49
C ALA A 50 4.33 -7.37 -11.47
N THR A 51 4.54 -8.60 -11.97
CA THR A 51 5.79 -9.35 -11.86
C THR A 51 5.96 -10.17 -13.14
ZN ZN B . 3.72 -0.83 5.77
ZN ZN C . -6.20 -6.86 -2.71
N ALA A 1 -0.90 4.85 10.54
CA ALA A 1 -1.42 4.36 11.83
C ALA A 1 -1.00 2.91 12.07
N ARG A 2 -1.45 1.98 11.23
CA ARG A 2 -1.04 0.58 11.27
C ARG A 2 -1.21 -0.04 9.88
N CYS A 3 -0.51 -1.15 9.63
CA CYS A 3 -0.37 -1.76 8.31
C CYS A 3 -0.38 -3.28 8.43
N LYS A 4 -0.80 -3.97 7.35
CA LYS A 4 -0.77 -5.42 7.24
C LYS A 4 0.68 -5.93 7.17
N VAL A 5 1.48 -5.36 6.27
CA VAL A 5 2.81 -5.86 5.92
C VAL A 5 3.79 -5.60 7.05
N CYS A 6 4.19 -4.33 7.22
CA CYS A 6 5.28 -3.98 8.12
C CYS A 6 4.85 -4.10 9.58
N ARG A 7 3.59 -3.75 9.89
CA ARG A 7 3.04 -3.71 11.24
C ARG A 7 3.89 -2.80 12.12
N LYS A 8 3.99 -1.53 11.72
CA LYS A 8 4.74 -0.49 12.40
C LYS A 8 3.84 0.74 12.58
N LYS A 9 4.37 1.73 13.30
CA LYS A 9 3.79 3.07 13.42
C LYS A 9 4.95 4.05 13.42
N GLY A 10 5.41 4.46 12.24
CA GLY A 10 6.62 5.23 12.05
C GLY A 10 6.60 5.90 10.68
N GLU A 11 6.69 5.09 9.62
CA GLU A 11 6.65 5.57 8.24
C GLU A 11 5.20 5.76 7.77
N ASP A 12 4.39 6.48 8.56
CA ASP A 12 2.98 6.73 8.28
C ASP A 12 2.84 7.95 7.36
N ASP A 13 3.42 7.84 6.16
CA ASP A 13 3.38 8.86 5.13
C ASP A 13 1.98 8.90 4.51
N LYS A 14 1.65 7.85 3.76
CA LYS A 14 0.47 7.74 2.93
C LYS A 14 0.04 6.28 2.94
N LEU A 15 -0.84 5.91 3.87
CA LEU A 15 -1.45 4.60 3.92
C LEU A 15 -2.41 4.42 2.75
N ILE A 16 -1.90 3.88 1.64
CA ILE A 16 -2.69 3.43 0.51
C ILE A 16 -3.36 2.10 0.86
N LEU A 17 -4.67 2.13 1.11
CA LEU A 17 -5.46 0.91 1.23
C LEU A 17 -5.62 0.28 -0.16
N CYS A 18 -5.70 -1.05 -0.22
CA CYS A 18 -6.08 -1.74 -1.44
C CYS A 18 -7.56 -1.48 -1.73
N ASP A 19 -7.89 -0.97 -2.92
CA ASP A 19 -9.26 -0.63 -3.29
C ASP A 19 -10.18 -1.84 -3.23
N GLU A 20 -9.70 -2.99 -3.74
CA GLU A 20 -10.49 -4.20 -3.93
C GLU A 20 -10.94 -4.76 -2.59
N CYS A 21 -10.00 -5.09 -1.70
CA CYS A 21 -10.26 -5.83 -0.47
C CYS A 21 -10.20 -4.96 0.79
N ASN A 22 -9.80 -3.68 0.67
CA ASN A 22 -9.83 -2.70 1.75
C ASN A 22 -8.96 -3.16 2.91
N LYS A 23 -7.66 -3.37 2.62
CA LYS A 23 -6.64 -3.73 3.58
C LYS A 23 -5.53 -2.69 3.54
N ALA A 24 -4.93 -2.40 4.70
CA ALA A 24 -4.02 -1.29 4.92
C ALA A 24 -2.59 -1.64 4.47
N PHE A 25 -2.06 -0.85 3.52
CA PHE A 25 -0.68 -0.88 3.08
C PHE A 25 -0.12 0.54 3.04
N HIS A 26 1.21 0.67 2.96
CA HIS A 26 1.90 1.93 2.66
C HIS A 26 2.40 1.86 1.22
N LEU A 27 2.75 3.01 0.65
CA LEU A 27 3.44 3.07 -0.63
C LEU A 27 4.77 2.31 -0.55
N PHE A 28 5.49 2.47 0.56
CA PHE A 28 6.68 1.69 0.89
C PHE A 28 6.44 0.18 0.67
N CYS A 29 5.37 -0.33 1.26
CA CYS A 29 5.09 -1.76 1.33
C CYS A 29 4.70 -2.31 -0.04
N LEU A 30 3.96 -1.52 -0.84
CA LEU A 30 3.56 -1.88 -2.19
C LEU A 30 4.67 -1.59 -3.20
N ARG A 31 4.87 -0.30 -3.49
CA ARG A 31 5.68 0.20 -4.57
C ARG A 31 6.52 1.39 -4.09
N PRO A 32 7.69 1.17 -3.48
CA PRO A 32 8.44 2.21 -2.79
C PRO A 32 8.95 3.29 -3.75
N ALA A 33 9.11 2.97 -5.03
CA ALA A 33 9.37 3.92 -6.09
C ALA A 33 8.36 5.07 -6.14
N LEU A 34 7.09 4.76 -5.88
CA LEU A 34 6.06 5.77 -5.68
C LEU A 34 6.18 6.32 -4.25
N TYR A 35 6.23 7.64 -4.12
CA TYR A 35 6.21 8.37 -2.85
C TYR A 35 4.91 9.17 -2.70
N GLU A 36 4.26 9.46 -3.84
CA GLU A 36 2.92 10.00 -3.96
C GLU A 36 1.95 8.86 -4.26
N VAL A 37 0.66 9.06 -4.01
CA VAL A 37 -0.38 8.14 -4.46
C VAL A 37 -0.46 8.19 -5.99
N PRO A 38 -0.63 7.05 -6.68
CA PRO A 38 -0.93 7.04 -8.11
C PRO A 38 -2.40 7.39 -8.34
N ASP A 39 -2.75 7.66 -9.61
CA ASP A 39 -4.11 8.01 -10.02
C ASP A 39 -4.69 6.88 -10.86
N GLY A 40 -4.87 5.71 -10.24
CA GLY A 40 -5.63 4.62 -10.85
C GLY A 40 -5.39 3.30 -10.14
N GLU A 41 -4.15 2.79 -10.23
CA GLU A 41 -3.82 1.43 -9.79
C GLU A 41 -3.55 1.42 -8.28
N TRP A 42 -4.42 0.72 -7.53
CA TRP A 42 -4.44 0.76 -6.07
C TRP A 42 -4.66 -0.63 -5.49
N GLN A 43 -3.75 -1.58 -5.80
CA GLN A 43 -3.94 -2.99 -5.46
C GLN A 43 -2.68 -3.59 -4.82
N CYS A 44 -2.91 -4.65 -4.03
CA CYS A 44 -1.91 -5.31 -3.20
C CYS A 44 -1.60 -6.70 -3.79
N PRO A 45 -0.41 -7.26 -3.53
CA PRO A 45 0.13 -8.46 -4.20
C PRO A 45 -0.86 -9.57 -4.53
N ALA A 46 -1.76 -9.92 -3.59
CA ALA A 46 -2.66 -11.05 -3.72
C ALA A 46 -3.71 -10.75 -4.79
N CYS A 47 -4.21 -9.50 -4.82
CA CYS A 47 -5.04 -9.00 -5.88
C CYS A 47 -4.25 -8.87 -7.18
N GLN A 48 -3.06 -8.24 -7.09
CA GLN A 48 -2.22 -7.91 -8.23
C GLN A 48 -0.81 -7.56 -7.72
N PRO A 49 0.26 -8.09 -8.33
CA PRO A 49 1.62 -7.63 -8.06
C PRO A 49 1.85 -6.34 -8.83
N ALA A 50 1.23 -5.25 -8.35
CA ALA A 50 1.15 -3.98 -9.06
C ALA A 50 2.50 -3.29 -9.15
N THR A 51 2.63 -2.37 -10.12
CA THR A 51 3.82 -1.60 -10.41
C THR A 51 3.49 -0.10 -10.37
ZN ZN B . 3.39 -0.80 6.02
ZN ZN C . -6.08 -6.35 -2.14
N ALA A 1 -2.54 4.79 9.73
CA ALA A 1 -2.79 4.20 11.06
C ALA A 1 -1.87 3.01 11.31
N ARG A 2 -2.05 1.92 10.56
CA ARG A 2 -1.14 0.79 10.50
C ARG A 2 -1.07 0.26 9.07
N CYS A 3 -0.21 -0.75 8.85
CA CYS A 3 0.06 -1.36 7.56
C CYS A 3 0.01 -2.88 7.71
N LYS A 4 -0.37 -3.58 6.63
CA LYS A 4 -0.40 -5.05 6.55
C LYS A 4 0.98 -5.63 6.86
N VAL A 5 2.01 -5.10 6.19
CA VAL A 5 3.39 -5.53 6.32
C VAL A 5 3.90 -5.24 7.74
N CYS A 6 3.78 -3.99 8.20
CA CYS A 6 4.41 -3.54 9.44
C CYS A 6 3.68 -4.12 10.66
N ARG A 7 2.34 -4.12 10.63
CA ARG A 7 1.46 -4.41 11.76
C ARG A 7 1.73 -3.45 12.92
N LYS A 8 2.13 -2.21 12.58
CA LYS A 8 2.51 -1.13 13.47
C LYS A 8 2.29 0.18 12.73
N LYS A 9 2.32 1.30 13.44
CA LYS A 9 2.35 2.62 12.85
C LYS A 9 3.79 2.87 12.38
N GLY A 10 4.10 2.42 11.17
CA GLY A 10 5.41 2.58 10.55
C GLY A 10 5.57 4.00 9.99
N GLU A 11 6.06 4.11 8.75
CA GLU A 11 6.32 5.38 8.10
C GLU A 11 5.00 5.91 7.52
N ASP A 12 4.09 6.35 8.40
CA ASP A 12 2.74 6.78 8.05
C ASP A 12 2.79 8.20 7.45
N ASP A 13 3.37 8.27 6.25
CA ASP A 13 3.52 9.46 5.43
C ASP A 13 2.42 9.46 4.37
N LYS A 14 2.37 8.38 3.59
CA LYS A 14 1.56 8.23 2.39
C LYS A 14 1.08 6.78 2.35
N LEU A 15 -0.04 6.51 3.04
CA LEU A 15 -0.71 5.22 2.98
C LEU A 15 -1.43 5.05 1.64
N ILE A 16 -1.79 3.81 1.34
CA ILE A 16 -2.34 3.35 0.08
C ILE A 16 -3.10 2.05 0.37
N LEU A 17 -4.44 2.11 0.30
CA LEU A 17 -5.31 1.00 0.64
C LEU A 17 -5.61 0.19 -0.62
N CYS A 18 -5.64 -1.14 -0.48
CA CYS A 18 -6.13 -2.04 -1.50
C CYS A 18 -7.65 -1.89 -1.59
N ASP A 19 -8.14 -1.23 -2.65
CA ASP A 19 -9.55 -0.89 -2.75
C ASP A 19 -10.46 -2.13 -2.86
N GLU A 20 -9.93 -3.24 -3.37
CA GLU A 20 -10.66 -4.50 -3.52
C GLU A 20 -11.00 -5.10 -2.16
N CYS A 21 -10.01 -5.61 -1.42
CA CYS A 21 -10.21 -6.38 -0.20
C CYS A 21 -9.85 -5.59 1.07
N ASN A 22 -9.59 -4.28 0.95
CA ASN A 22 -9.45 -3.35 2.07
C ASN A 22 -8.32 -3.76 3.01
N LYS A 23 -7.07 -3.55 2.57
CA LYS A 23 -5.86 -3.77 3.34
C LYS A 23 -4.97 -2.54 3.20
N ALA A 24 -4.61 -1.91 4.33
CA ALA A 24 -3.74 -0.75 4.35
C ALA A 24 -2.30 -1.15 4.07
N PHE A 25 -1.60 -0.34 3.28
CA PHE A 25 -0.17 -0.46 3.03
C PHE A 25 0.46 0.93 2.95
N HIS A 26 1.80 0.98 3.00
CA HIS A 26 2.60 2.17 2.70
C HIS A 26 3.11 2.01 1.26
N LEU A 27 3.31 3.12 0.55
CA LEU A 27 4.00 3.12 -0.73
C LEU A 27 5.38 2.48 -0.61
N PHE A 28 6.09 2.80 0.48
CA PHE A 28 7.39 2.21 0.82
C PHE A 28 7.36 0.68 0.74
N CYS A 29 6.41 0.06 1.43
CA CYS A 29 6.31 -1.38 1.56
C CYS A 29 5.93 -2.01 0.22
N LEU A 30 5.06 -1.35 -0.56
CA LEU A 30 4.60 -1.82 -1.85
C LEU A 30 5.61 -1.52 -2.96
N ARG A 31 5.60 -0.27 -3.44
CA ARG A 31 6.30 0.19 -4.63
C ARG A 31 6.98 1.52 -4.31
N PRO A 32 8.19 1.51 -3.72
CA PRO A 32 8.83 2.71 -3.18
C PRO A 32 9.11 3.76 -4.27
N ALA A 33 9.33 3.31 -5.51
CA ALA A 33 9.47 4.16 -6.68
C ALA A 33 8.30 5.12 -6.87
N LEU A 34 7.08 4.68 -6.55
CA LEU A 34 5.92 5.55 -6.47
C LEU A 34 6.01 6.36 -5.19
N TYR A 35 6.68 7.52 -5.26
CA TYR A 35 6.92 8.38 -4.11
C TYR A 35 5.62 9.05 -3.64
N GLU A 36 4.74 9.41 -4.59
CA GLU A 36 3.42 9.98 -4.34
C GLU A 36 2.34 8.90 -4.50
N VAL A 37 1.18 9.14 -3.88
CA VAL A 37 0.00 8.29 -4.01
C VAL A 37 -0.52 8.38 -5.45
N PRO A 38 -0.64 7.26 -6.18
CA PRO A 38 -0.92 7.27 -7.62
C PRO A 38 -2.34 7.72 -7.90
N ASP A 39 -2.57 8.30 -9.08
CA ASP A 39 -3.82 8.93 -9.46
C ASP A 39 -4.78 7.89 -10.04
N GLY A 40 -5.02 6.80 -9.30
CA GLY A 40 -5.88 5.72 -9.75
C GLY A 40 -5.91 4.57 -8.74
N GLU A 41 -6.55 3.47 -9.15
CA GLU A 41 -6.89 2.34 -8.31
C GLU A 41 -5.63 1.59 -7.87
N TRP A 42 -5.74 0.76 -6.82
CA TRP A 42 -4.68 -0.15 -6.42
C TRP A 42 -5.25 -1.37 -5.69
N GLN A 43 -4.58 -2.51 -5.87
CA GLN A 43 -4.82 -3.72 -5.11
C GLN A 43 -3.48 -4.38 -4.74
N CYS A 44 -3.49 -5.10 -3.62
CA CYS A 44 -2.30 -5.63 -2.95
C CYS A 44 -1.70 -6.80 -3.73
N PRO A 45 -0.43 -7.18 -3.45
CA PRO A 45 0.22 -8.36 -4.01
C PRO A 45 -0.57 -9.67 -3.93
N ALA A 46 -1.48 -9.81 -2.96
CA ALA A 46 -2.35 -10.98 -2.86
C ALA A 46 -3.37 -10.98 -4.00
N CYS A 47 -3.86 -9.79 -4.39
CA CYS A 47 -4.75 -9.62 -5.52
C CYS A 47 -3.98 -9.70 -6.84
N GLN A 48 -2.79 -9.06 -6.91
CA GLN A 48 -1.92 -9.05 -8.08
C GLN A 48 -0.61 -9.80 -7.80
N PRO A 49 -0.61 -11.14 -7.82
CA PRO A 49 0.61 -11.93 -7.79
C PRO A 49 1.17 -12.06 -9.21
N ALA A 50 2.31 -12.73 -9.36
CA ALA A 50 2.84 -13.11 -10.65
C ALA A 50 2.00 -14.25 -11.22
N THR A 51 1.00 -13.91 -12.04
CA THR A 51 0.15 -14.86 -12.75
C THR A 51 -0.30 -14.27 -14.10
ZN ZN B . 4.18 -0.62 6.01
ZN ZN C . -6.19 -6.98 -1.89
N ALA A 1 -3.53 5.74 10.40
CA ALA A 1 -3.84 4.30 10.27
C ALA A 1 -2.55 3.49 10.12
N ARG A 2 -2.66 2.15 10.20
CA ARG A 2 -1.53 1.24 10.18
C ARG A 2 -1.62 0.31 8.97
N CYS A 3 -0.49 0.18 8.27
CA CYS A 3 -0.26 -0.77 7.19
C CYS A 3 -0.18 -2.19 7.76
N LYS A 4 -0.70 -3.16 7.00
CA LYS A 4 -0.74 -4.56 7.39
C LYS A 4 0.66 -5.18 7.37
N VAL A 5 1.47 -4.85 6.35
CA VAL A 5 2.76 -5.45 6.10
C VAL A 5 3.71 -5.16 7.26
N CYS A 6 4.11 -3.89 7.44
CA CYS A 6 5.05 -3.50 8.48
C CYS A 6 4.39 -3.57 9.87
N ARG A 7 3.14 -3.09 9.99
CA ARG A 7 2.36 -3.07 11.23
C ARG A 7 3.16 -2.65 12.46
N LYS A 8 3.99 -1.62 12.30
CA LYS A 8 4.71 -0.91 13.36
C LYS A 8 4.69 0.58 13.01
N LYS A 9 4.61 1.45 14.03
CA LYS A 9 4.54 2.89 13.82
C LYS A 9 5.90 3.37 13.30
N GLY A 10 5.87 4.21 12.26
CA GLY A 10 7.08 4.72 11.62
C GLY A 10 6.70 5.76 10.58
N GLU A 11 6.73 5.38 9.30
CA GLU A 11 6.39 6.24 8.18
C GLU A 11 4.88 6.27 8.00
N ASP A 12 4.15 6.85 8.96
CA ASP A 12 2.71 7.04 8.90
C ASP A 12 2.38 8.26 8.02
N ASP A 13 2.79 8.18 6.75
CA ASP A 13 2.79 9.28 5.80
C ASP A 13 1.47 9.28 5.02
N LYS A 14 1.33 8.28 4.13
CA LYS A 14 0.22 8.15 3.19
C LYS A 14 -0.11 6.68 3.07
N LEU A 15 -0.99 6.20 3.96
CA LEU A 15 -1.50 4.84 3.94
C LEU A 15 -2.42 4.67 2.73
N ILE A 16 -2.05 3.74 1.83
CA ILE A 16 -2.79 3.40 0.63
C ILE A 16 -3.58 2.11 0.89
N LEU A 17 -4.91 2.16 0.74
CA LEU A 17 -5.77 1.00 0.80
C LEU A 17 -5.90 0.37 -0.58
N CYS A 18 -5.92 -0.96 -0.64
CA CYS A 18 -6.27 -1.67 -1.87
C CYS A 18 -7.78 -1.57 -2.08
N ASP A 19 -8.20 -1.22 -3.29
CA ASP A 19 -9.59 -0.88 -3.56
C ASP A 19 -10.46 -2.14 -3.50
N GLU A 20 -9.92 -3.25 -4.02
CA GLU A 20 -10.61 -4.53 -4.11
C GLU A 20 -10.84 -5.12 -2.72
N CYS A 21 -9.77 -5.49 -2.01
CA CYS A 21 -9.86 -6.26 -0.78
C CYS A 21 -9.90 -5.38 0.48
N ASN A 22 -9.61 -4.08 0.36
CA ASN A 22 -9.71 -3.12 1.46
C ASN A 22 -8.78 -3.52 2.59
N LYS A 23 -7.48 -3.58 2.28
CA LYS A 23 -6.39 -3.85 3.18
C LYS A 23 -5.34 -2.75 3.03
N ALA A 24 -4.74 -2.33 4.15
CA ALA A 24 -3.90 -1.15 4.23
C ALA A 24 -2.44 -1.49 3.90
N PHE A 25 -1.80 -0.59 3.17
CA PHE A 25 -0.45 -0.69 2.64
C PHE A 25 0.22 0.68 2.69
N HIS A 26 1.52 0.70 2.36
CA HIS A 26 2.30 1.90 2.10
C HIS A 26 2.90 1.74 0.71
N LEU A 27 3.16 2.86 0.03
CA LEU A 27 3.94 2.83 -1.20
C LEU A 27 5.31 2.21 -0.92
N PHE A 28 5.93 2.60 0.21
CA PHE A 28 7.12 2.00 0.79
C PHE A 28 7.10 0.47 0.71
N CYS A 29 6.05 -0.13 1.29
CA CYS A 29 5.94 -1.57 1.52
C CYS A 29 5.59 -2.30 0.23
N LEU A 30 4.77 -1.68 -0.63
CA LEU A 30 4.46 -2.18 -1.95
C LEU A 30 5.72 -2.23 -2.82
N ARG A 31 6.22 -1.06 -3.21
CA ARG A 31 7.46 -0.89 -3.97
C ARG A 31 8.07 0.46 -3.61
N PRO A 32 9.27 0.50 -2.99
CA PRO A 32 9.84 1.71 -2.41
C PRO A 32 10.16 2.79 -3.45
N ALA A 33 10.26 2.42 -4.74
CA ALA A 33 10.35 3.35 -5.86
C ALA A 33 9.17 4.34 -5.89
N LEU A 34 7.98 3.89 -5.47
CA LEU A 34 6.80 4.74 -5.35
C LEU A 34 6.78 5.41 -3.98
N TYR A 35 6.04 6.52 -3.89
CA TYR A 35 6.01 7.44 -2.76
C TYR A 35 4.62 8.05 -2.60
N GLU A 36 4.09 8.58 -3.71
CA GLU A 36 2.77 9.19 -3.79
C GLU A 36 1.74 8.15 -4.23
N VAL A 37 0.49 8.34 -3.78
CA VAL A 37 -0.65 7.51 -4.15
C VAL A 37 -0.96 7.74 -5.63
N PRO A 38 -1.00 6.67 -6.47
CA PRO A 38 -1.19 6.80 -7.90
C PRO A 38 -2.62 7.24 -8.23
N ASP A 39 -2.80 7.87 -9.38
CA ASP A 39 -4.07 8.42 -9.83
C ASP A 39 -4.93 7.33 -10.48
N GLY A 40 -5.21 6.27 -9.74
CA GLY A 40 -6.17 5.25 -10.13
C GLY A 40 -6.42 4.26 -8.98
N GLU A 41 -7.49 3.46 -9.12
CA GLU A 41 -7.91 2.46 -8.15
C GLU A 41 -6.79 1.43 -7.96
N TRP A 42 -6.29 1.29 -6.72
CA TRP A 42 -5.10 0.50 -6.45
C TRP A 42 -5.47 -0.97 -6.27
N GLN A 43 -4.59 -1.86 -6.75
CA GLN A 43 -4.65 -3.28 -6.51
C GLN A 43 -3.32 -3.71 -5.87
N CYS A 44 -3.36 -4.44 -4.76
CA CYS A 44 -2.18 -4.91 -4.06
C CYS A 44 -1.65 -6.20 -4.74
N PRO A 45 -0.39 -6.59 -4.44
CA PRO A 45 0.19 -7.86 -4.86
C PRO A 45 -0.52 -9.12 -4.40
N ALA A 46 -1.51 -9.03 -3.49
CA ALA A 46 -2.37 -10.16 -3.17
C ALA A 46 -3.37 -10.39 -4.31
N CYS A 47 -4.03 -9.31 -4.75
CA CYS A 47 -5.10 -9.39 -5.73
C CYS A 47 -4.52 -9.55 -7.14
N GLN A 48 -3.69 -8.58 -7.56
CA GLN A 48 -2.88 -8.68 -8.76
C GLN A 48 -1.71 -9.63 -8.50
N PRO A 49 -1.50 -10.68 -9.31
CA PRO A 49 -0.32 -11.53 -9.20
C PRO A 49 0.88 -10.86 -9.87
N ALA A 50 1.37 -9.77 -9.25
CA ALA A 50 2.63 -9.13 -9.59
C ALA A 50 3.04 -8.20 -8.44
N THR A 51 4.35 -8.02 -8.26
CA THR A 51 4.92 -7.16 -7.23
C THR A 51 4.67 -5.69 -7.57
ZN ZN B . 3.77 -0.41 5.78
ZN ZN C . -6.03 -6.29 -2.54
N ALA A 1 -0.92 4.41 10.97
CA ALA A 1 -1.69 3.33 11.61
C ALA A 1 -1.14 1.95 11.22
N ARG A 2 -1.83 0.87 11.63
CA ARG A 2 -1.35 -0.49 11.53
C ARG A 2 -1.46 -0.97 10.07
N CYS A 3 -0.39 -0.76 9.31
CA CYS A 3 -0.22 -1.28 7.96
C CYS A 3 -0.07 -2.80 8.02
N LYS A 4 -0.76 -3.52 7.14
CA LYS A 4 -0.85 -4.97 7.20
C LYS A 4 0.49 -5.65 6.88
N VAL A 5 1.34 -5.00 6.10
CA VAL A 5 2.70 -5.45 5.80
C VAL A 5 3.58 -5.32 7.04
N CYS A 6 4.01 -4.09 7.38
CA CYS A 6 5.02 -3.85 8.39
C CYS A 6 4.49 -3.97 9.82
N ARG A 7 3.17 -3.77 10.01
CA ARG A 7 2.46 -3.91 11.29
C ARG A 7 3.17 -3.08 12.37
N LYS A 8 3.50 -1.84 12.01
CA LYS A 8 4.37 -0.97 12.78
C LYS A 8 4.19 0.45 12.26
N LYS A 9 4.55 1.45 13.08
CA LYS A 9 4.64 2.83 12.63
C LYS A 9 5.82 2.95 11.68
N GLY A 10 5.53 3.19 10.40
CA GLY A 10 6.52 3.55 9.38
C GLY A 10 6.40 5.04 9.10
N GLU A 11 6.43 5.41 7.81
CA GLU A 11 6.11 6.76 7.36
C GLU A 11 4.59 6.91 7.40
N ASP A 12 4.03 7.08 8.61
CA ASP A 12 2.60 7.16 8.83
C ASP A 12 2.10 8.56 8.48
N ASP A 13 2.18 8.88 7.17
CA ASP A 13 1.91 10.17 6.58
C ASP A 13 0.78 10.02 5.57
N LYS A 14 0.98 9.10 4.62
CA LYS A 14 0.10 8.85 3.49
C LYS A 14 -0.22 7.35 3.42
N LEU A 15 -1.02 6.85 4.38
CA LEU A 15 -1.55 5.50 4.27
C LEU A 15 -2.59 5.45 3.15
N ILE A 16 -2.82 4.25 2.63
CA ILE A 16 -3.60 3.98 1.44
C ILE A 16 -4.19 2.58 1.58
N LEU A 17 -5.50 2.43 1.34
CA LEU A 17 -6.18 1.15 1.33
C LEU A 17 -6.07 0.55 -0.08
N CYS A 18 -5.86 -0.78 -0.15
CA CYS A 18 -5.95 -1.49 -1.41
C CYS A 18 -7.42 -1.55 -1.86
N ASP A 19 -7.69 -1.21 -3.12
CA ASP A 19 -9.05 -1.07 -3.63
C ASP A 19 -9.78 -2.40 -3.56
N GLU A 20 -9.14 -3.44 -4.09
CA GLU A 20 -9.74 -4.74 -4.34
C GLU A 20 -10.10 -5.47 -3.04
N CYS A 21 -9.15 -5.57 -2.11
CA CYS A 21 -9.23 -6.41 -0.91
C CYS A 21 -9.20 -5.63 0.40
N ASN A 22 -9.19 -4.29 0.35
CA ASN A 22 -9.39 -3.41 1.52
C ASN A 22 -8.41 -3.75 2.65
N LYS A 23 -7.11 -3.61 2.37
CA LYS A 23 -6.03 -3.77 3.32
C LYS A 23 -5.30 -2.44 3.46
N ALA A 24 -5.13 -1.96 4.70
CA ALA A 24 -4.39 -0.74 4.99
C ALA A 24 -2.90 -0.95 4.73
N PHE A 25 -2.30 -0.04 3.97
CA PHE A 25 -0.95 -0.15 3.42
C PHE A 25 -0.31 1.24 3.40
N HIS A 26 1.01 1.28 3.20
CA HIS A 26 1.76 2.50 2.91
C HIS A 26 2.07 2.50 1.40
N LEU A 27 2.38 3.68 0.86
CA LEU A 27 2.91 3.86 -0.49
C LEU A 27 4.10 2.92 -0.73
N PHE A 28 5.05 2.94 0.20
CA PHE A 28 6.29 2.20 0.12
C PHE A 28 6.03 0.69 0.23
N CYS A 29 5.18 0.30 1.19
CA CYS A 29 4.86 -1.10 1.46
C CYS A 29 4.08 -1.75 0.32
N LEU A 30 3.30 -0.97 -0.44
CA LEU A 30 2.70 -1.47 -1.68
C LEU A 30 3.81 -1.90 -2.64
N ARG A 31 4.58 -0.94 -3.14
CA ARG A 31 5.53 -1.15 -4.23
C ARG A 31 6.74 -0.25 -4.02
N PRO A 32 7.97 -0.75 -4.22
CA PRO A 32 9.19 -0.05 -3.86
C PRO A 32 9.36 1.23 -4.68
N ALA A 33 9.04 1.16 -5.98
CA ALA A 33 9.04 2.31 -6.88
C ALA A 33 8.00 3.36 -6.51
N LEU A 34 6.91 2.95 -5.85
CA LEU A 34 5.80 3.83 -5.50
C LEU A 34 6.14 4.60 -4.23
N TYR A 35 6.99 5.63 -4.39
CA TYR A 35 7.27 6.59 -3.34
C TYR A 35 6.07 7.52 -3.11
N GLU A 36 5.44 7.96 -4.20
CA GLU A 36 4.43 9.00 -4.22
C GLU A 36 3.02 8.41 -4.20
N VAL A 37 2.01 9.26 -3.96
CA VAL A 37 0.61 8.90 -3.97
C VAL A 37 0.18 8.48 -5.39
N PRO A 38 -0.57 7.37 -5.55
CA PRO A 38 -1.20 7.02 -6.81
C PRO A 38 -2.65 7.54 -6.86
N ASP A 39 -3.17 7.72 -8.07
CA ASP A 39 -4.57 8.00 -8.33
C ASP A 39 -5.03 7.11 -9.49
N GLY A 40 -5.24 5.82 -9.19
CA GLY A 40 -5.57 4.79 -10.17
C GLY A 40 -5.93 3.50 -9.46
N GLU A 41 -5.58 2.36 -10.07
CA GLU A 41 -5.81 1.03 -9.51
C GLU A 41 -4.85 0.79 -8.35
N TRP A 42 -5.30 1.02 -7.12
CA TRP A 42 -4.52 0.79 -5.92
C TRP A 42 -4.57 -0.69 -5.55
N GLN A 43 -3.94 -1.54 -6.37
CA GLN A 43 -3.89 -2.98 -6.12
C GLN A 43 -2.57 -3.33 -5.45
N CYS A 44 -2.64 -4.16 -4.40
CA CYS A 44 -1.51 -4.59 -3.60
C CYS A 44 -0.79 -5.75 -4.31
N PRO A 45 0.47 -6.05 -3.93
CA PRO A 45 1.25 -7.21 -4.35
C PRO A 45 0.49 -8.54 -4.47
N ALA A 46 -0.51 -8.78 -3.61
CA ALA A 46 -1.21 -10.05 -3.55
C ALA A 46 -2.08 -10.20 -4.79
N CYS A 47 -2.94 -9.21 -5.05
CA CYS A 47 -3.89 -9.27 -6.14
C CYS A 47 -3.22 -8.93 -7.48
N GLN A 48 -2.59 -7.75 -7.57
CA GLN A 48 -1.74 -7.39 -8.69
C GLN A 48 -0.30 -7.77 -8.32
N PRO A 49 0.37 -8.68 -9.05
CA PRO A 49 1.65 -9.27 -8.67
C PRO A 49 2.69 -8.29 -8.10
N ALA A 50 3.51 -8.79 -7.16
CA ALA A 50 4.61 -8.07 -6.56
C ALA A 50 5.54 -7.49 -7.63
N THR A 51 5.53 -6.17 -7.76
CA THR A 51 6.19 -5.42 -8.82
C THR A 51 6.49 -4.02 -8.26
ZN ZN B . 3.66 -0.34 6.11
ZN ZN C . -5.09 -6.15 -3.10
N ALA A 1 -1.42 5.34 9.43
CA ALA A 1 -2.16 4.26 10.11
C ALA A 1 -1.40 2.94 10.02
N ARG A 2 -1.89 1.89 10.68
CA ARG A 2 -1.18 0.62 10.78
C ARG A 2 -1.28 -0.13 9.44
N CYS A 3 -0.15 -0.21 8.73
CA CYS A 3 0.01 -1.05 7.57
C CYS A 3 0.04 -2.53 8.00
N LYS A 4 -0.51 -3.40 7.15
CA LYS A 4 -0.51 -4.84 7.36
C LYS A 4 0.91 -5.39 7.23
N VAL A 5 1.55 -5.10 6.10
CA VAL A 5 2.82 -5.68 5.66
C VAL A 5 3.89 -5.55 6.75
N CYS A 6 4.32 -4.31 7.03
CA CYS A 6 5.31 -4.03 8.05
C CYS A 6 4.72 -4.06 9.47
N ARG A 7 3.39 -4.17 9.61
CA ARG A 7 2.71 -4.35 10.90
C ARG A 7 3.10 -3.17 11.82
N LYS A 8 2.94 -1.95 11.31
CA LYS A 8 3.47 -0.75 11.94
C LYS A 8 2.73 0.48 11.42
N LYS A 9 2.53 1.48 12.28
CA LYS A 9 2.04 2.80 11.92
C LYS A 9 3.19 3.82 12.01
N GLY A 10 4.25 3.60 11.24
CA GLY A 10 5.45 4.43 11.27
C GLY A 10 5.28 5.57 10.28
N GLU A 11 5.29 5.22 8.98
CA GLU A 11 5.34 6.17 7.89
C GLU A 11 3.91 6.60 7.56
N ASP A 12 3.29 7.35 8.48
CA ASP A 12 1.89 7.77 8.40
C ASP A 12 1.77 8.95 7.44
N ASP A 13 2.06 8.70 6.15
CA ASP A 13 2.21 9.69 5.10
C ASP A 13 0.89 9.81 4.34
N LYS A 14 0.56 8.77 3.58
CA LYS A 14 -0.66 8.68 2.76
C LYS A 14 -0.87 7.24 2.32
N LEU A 15 -1.37 6.39 3.23
CA LEU A 15 -1.41 4.95 2.97
C LEU A 15 -2.42 4.62 1.87
N ILE A 16 -2.10 3.58 1.11
CA ILE A 16 -2.77 3.18 -0.12
C ILE A 16 -3.40 1.81 0.11
N LEU A 17 -4.45 1.78 0.93
CA LEU A 17 -5.11 0.57 1.37
C LEU A 17 -5.85 -0.05 0.19
N CYS A 18 -5.88 -1.39 0.10
CA CYS A 18 -6.58 -2.08 -0.96
C CYS A 18 -8.09 -1.92 -0.78
N ASP A 19 -8.73 -1.20 -1.71
CA ASP A 19 -10.16 -0.97 -1.75
C ASP A 19 -10.97 -2.27 -1.66
N GLU A 20 -10.51 -3.30 -2.38
CA GLU A 20 -11.24 -4.55 -2.55
C GLU A 20 -11.36 -5.31 -1.23
N CYS A 21 -10.22 -5.77 -0.70
CA CYS A 21 -10.17 -6.70 0.43
C CYS A 21 -9.66 -6.04 1.72
N ASN A 22 -9.49 -4.71 1.74
CA ASN A 22 -9.23 -3.93 2.94
C ASN A 22 -7.96 -4.43 3.65
N LYS A 23 -6.87 -4.55 2.89
CA LYS A 23 -5.54 -4.85 3.40
C LYS A 23 -4.70 -3.57 3.35
N ALA A 24 -4.17 -3.15 4.51
CA ALA A 24 -3.52 -1.87 4.67
C ALA A 24 -2.09 -1.92 4.13
N PHE A 25 -1.70 -0.91 3.35
CA PHE A 25 -0.47 -0.89 2.58
C PHE A 25 0.08 0.52 2.48
N HIS A 26 1.40 0.67 2.58
CA HIS A 26 2.10 1.91 2.26
C HIS A 26 2.47 1.85 0.78
N LEU A 27 2.74 3.01 0.18
CA LEU A 27 3.33 3.10 -1.14
C LEU A 27 4.69 2.39 -1.13
N PHE A 28 5.46 2.63 -0.06
CA PHE A 28 6.76 2.03 0.17
C PHE A 28 6.70 0.50 0.18
N CYS A 29 5.63 -0.06 0.77
CA CYS A 29 5.42 -1.50 0.89
C CYS A 29 5.06 -2.13 -0.45
N LEU A 30 4.39 -1.38 -1.35
CA LEU A 30 4.22 -1.84 -2.73
C LEU A 30 5.60 -1.91 -3.38
N ARG A 31 6.36 -0.82 -3.30
CA ARG A 31 7.77 -0.75 -3.65
C ARG A 31 8.34 0.59 -3.18
N PRO A 32 9.60 0.64 -2.70
CA PRO A 32 10.19 1.86 -2.15
C PRO A 32 10.26 2.98 -3.19
N ALA A 33 10.57 2.62 -4.45
CA ALA A 33 10.60 3.53 -5.59
C ALA A 33 9.30 4.32 -5.77
N LEU A 34 8.16 3.71 -5.40
CA LEU A 34 6.88 4.39 -5.34
C LEU A 34 6.86 5.22 -4.04
N TYR A 35 7.21 6.50 -4.15
CA TYR A 35 7.11 7.48 -3.08
C TYR A 35 5.79 8.24 -3.14
N GLU A 36 5.31 8.52 -4.36
CA GLU A 36 4.05 9.22 -4.64
C GLU A 36 3.09 8.26 -5.35
N VAL A 37 1.79 8.60 -5.33
CA VAL A 37 0.72 7.72 -5.75
C VAL A 37 0.84 7.33 -7.23
N PRO A 38 0.27 6.18 -7.64
CA PRO A 38 0.20 5.76 -9.02
C PRO A 38 -1.02 6.42 -9.68
N ASP A 39 -2.06 5.66 -10.05
CA ASP A 39 -3.35 6.19 -10.47
C ASP A 39 -4.28 6.36 -9.26
N GLY A 40 -3.73 6.83 -8.14
CA GLY A 40 -4.46 7.17 -6.94
C GLY A 40 -5.01 5.92 -6.25
N GLU A 41 -6.20 5.48 -6.67
CA GLU A 41 -6.83 4.24 -6.23
C GLU A 41 -6.02 3.06 -6.76
N TRP A 42 -5.75 2.08 -5.90
CA TRP A 42 -4.82 0.99 -6.19
C TRP A 42 -5.03 -0.14 -5.17
N GLN A 43 -4.67 -1.37 -5.58
CA GLN A 43 -4.91 -2.58 -4.81
C GLN A 43 -3.59 -3.30 -4.52
N CYS A 44 -3.61 -4.18 -3.51
CA CYS A 44 -2.42 -4.85 -2.98
C CYS A 44 -1.91 -5.89 -4.00
N PRO A 45 -0.62 -6.30 -3.93
CA PRO A 45 0.07 -7.10 -4.94
C PRO A 45 -0.72 -8.31 -5.49
N ALA A 46 -1.48 -9.00 -4.64
CA ALA A 46 -2.22 -10.19 -5.01
C ALA A 46 -3.38 -9.82 -5.93
N CYS A 47 -4.09 -8.75 -5.59
CA CYS A 47 -5.20 -8.22 -6.36
C CYS A 47 -4.69 -7.55 -7.64
N GLN A 48 -3.78 -6.58 -7.47
CA GLN A 48 -3.13 -5.82 -8.52
C GLN A 48 -1.63 -5.82 -8.23
N PRO A 49 -0.82 -6.53 -9.02
CA PRO A 49 0.64 -6.45 -8.96
C PRO A 49 1.15 -5.00 -8.98
N ALA A 50 2.06 -4.69 -8.05
CA ALA A 50 2.74 -3.41 -7.99
C ALA A 50 3.58 -3.20 -9.25
N THR A 51 3.17 -2.25 -10.09
CA THR A 51 3.96 -1.79 -11.22
C THR A 51 5.26 -1.15 -10.71
ZN ZN B . 3.83 -0.70 5.60
ZN ZN C . -6.33 -6.68 -2.09
N ALA A 1 -1.03 4.80 9.74
CA ALA A 1 -1.61 3.71 10.52
C ALA A 1 -0.72 2.46 10.47
N ARG A 2 -1.18 1.35 11.05
CA ARG A 2 -0.52 0.05 10.92
C ARG A 2 -0.69 -0.47 9.50
N CYS A 3 0.44 -0.64 8.80
CA CYS A 3 0.54 -1.33 7.52
C CYS A 3 0.60 -2.83 7.77
N LYS A 4 -0.01 -3.62 6.87
CA LYS A 4 -0.01 -5.07 6.90
C LYS A 4 1.42 -5.63 6.93
N VAL A 5 2.24 -5.17 5.98
CA VAL A 5 3.63 -5.59 5.82
C VAL A 5 4.43 -5.29 7.08
N CYS A 6 4.38 -4.03 7.55
CA CYS A 6 5.13 -3.58 8.71
C CYS A 6 4.63 -4.22 10.02
N ARG A 7 3.35 -4.62 10.04
CA ARG A 7 2.59 -5.06 11.22
C ARG A 7 2.88 -4.22 12.47
N LYS A 8 2.99 -2.90 12.26
CA LYS A 8 3.47 -1.91 13.21
C LYS A 8 3.15 -0.54 12.61
N LYS A 9 2.74 0.42 13.44
CA LYS A 9 2.61 1.81 13.02
C LYS A 9 4.00 2.41 12.85
N GLY A 10 4.25 3.07 11.70
CA GLY A 10 5.55 3.63 11.36
C GLY A 10 5.36 4.93 10.59
N GLU A 11 5.49 4.88 9.27
CA GLU A 11 5.42 6.05 8.40
C GLU A 11 3.96 6.46 8.22
N ASP A 12 3.43 7.23 9.17
CA ASP A 12 2.08 7.78 9.10
C ASP A 12 2.06 9.01 8.18
N ASP A 13 2.50 8.81 6.92
CA ASP A 13 2.62 9.85 5.92
C ASP A 13 1.38 9.85 5.03
N LYS A 14 1.22 8.77 4.26
CA LYS A 14 0.24 8.68 3.20
C LYS A 14 0.08 7.21 2.79
N LEU A 15 -0.64 6.44 3.61
CA LEU A 15 -0.91 5.04 3.33
C LEU A 15 -1.89 4.90 2.17
N ILE A 16 -1.84 3.74 1.51
CA ILE A 16 -2.63 3.33 0.37
C ILE A 16 -3.38 2.06 0.78
N LEU A 17 -4.55 2.24 1.38
CA LEU A 17 -5.48 1.16 1.69
C LEU A 17 -6.07 0.64 0.38
N CYS A 18 -6.06 -0.69 0.19
CA CYS A 18 -6.40 -1.28 -1.09
C CYS A 18 -7.89 -1.11 -1.38
N ASP A 19 -8.21 -0.76 -2.63
CA ASP A 19 -9.57 -0.46 -3.07
C ASP A 19 -10.45 -1.71 -2.93
N GLU A 20 -9.96 -2.82 -3.46
CA GLU A 20 -10.70 -4.06 -3.61
C GLU A 20 -11.01 -4.68 -2.24
N CYS A 21 -9.98 -4.97 -1.44
CA CYS A 21 -10.08 -5.77 -0.23
C CYS A 21 -9.65 -5.06 1.06
N ASN A 22 -9.41 -3.74 1.02
CA ASN A 22 -9.20 -2.89 2.20
C ASN A 22 -8.13 -3.46 3.14
N LYS A 23 -6.95 -3.74 2.58
CA LYS A 23 -5.74 -4.07 3.30
C LYS A 23 -4.84 -2.84 3.32
N ALA A 24 -4.35 -2.47 4.50
CA ALA A 24 -3.47 -1.32 4.70
C ALA A 24 -2.08 -1.63 4.16
N PHE A 25 -1.58 -0.78 3.24
CA PHE A 25 -0.23 -0.83 2.72
C PHE A 25 0.35 0.59 2.67
N HIS A 26 1.69 0.68 2.65
CA HIS A 26 2.39 1.91 2.35
C HIS A 26 2.73 1.87 0.86
N LEU A 27 2.80 3.05 0.24
CA LEU A 27 3.31 3.21 -1.11
C LEU A 27 4.71 2.60 -1.20
N PHE A 28 5.54 2.90 -0.20
CA PHE A 28 6.87 2.33 0.00
C PHE A 28 6.86 0.81 -0.10
N CYS A 29 5.99 0.16 0.69
CA CYS A 29 5.97 -1.29 0.87
C CYS A 29 5.49 -1.99 -0.40
N LEU A 30 4.55 -1.37 -1.15
CA LEU A 30 4.20 -1.85 -2.48
C LEU A 30 5.43 -1.81 -3.37
N ARG A 31 6.00 -0.62 -3.57
CA ARG A 31 7.15 -0.40 -4.43
C ARG A 31 7.75 0.97 -4.07
N PRO A 32 9.06 1.08 -3.77
CA PRO A 32 9.67 2.33 -3.30
C PRO A 32 9.53 3.45 -4.34
N ALA A 33 9.55 3.10 -5.63
CA ALA A 33 9.22 4.00 -6.75
C ALA A 33 7.96 4.82 -6.50
N LEU A 34 6.93 4.21 -5.90
CA LEU A 34 5.77 4.92 -5.40
C LEU A 34 6.16 5.65 -4.12
N TYR A 35 6.52 6.92 -4.24
CA TYR A 35 6.70 7.84 -3.13
C TYR A 35 5.38 8.54 -2.84
N GLU A 36 4.77 9.09 -3.89
CA GLU A 36 3.42 9.62 -3.90
C GLU A 36 2.47 8.61 -4.55
N VAL A 37 1.16 8.88 -4.47
CA VAL A 37 0.11 7.98 -4.92
C VAL A 37 0.12 7.82 -6.44
N PRO A 38 -0.34 6.67 -6.96
CA PRO A 38 -0.58 6.49 -8.39
C PRO A 38 -2.02 6.90 -8.71
N ASP A 39 -2.20 7.54 -9.88
CA ASP A 39 -3.48 7.93 -10.42
C ASP A 39 -4.15 6.75 -11.14
N GLY A 40 -4.43 5.67 -10.39
CA GLY A 40 -5.05 4.47 -10.91
C GLY A 40 -5.53 3.57 -9.78
N GLU A 41 -5.80 2.30 -10.10
CA GLU A 41 -6.47 1.36 -9.21
C GLU A 41 -5.50 0.93 -8.12
N TRP A 42 -5.79 1.30 -6.87
CA TRP A 42 -4.98 0.96 -5.71
C TRP A 42 -5.23 -0.49 -5.31
N GLN A 43 -4.63 -1.43 -6.05
CA GLN A 43 -4.58 -2.84 -5.70
C GLN A 43 -3.42 -3.11 -4.73
N CYS A 44 -3.26 -4.38 -4.32
CA CYS A 44 -2.16 -4.82 -3.48
C CYS A 44 -1.71 -6.24 -3.88
N PRO A 45 -0.54 -6.69 -3.41
CA PRO A 45 -0.03 -8.06 -3.56
C PRO A 45 -1.01 -9.19 -3.27
N ALA A 46 -2.02 -8.98 -2.42
CA ALA A 46 -3.03 -9.98 -2.14
C ALA A 46 -3.92 -10.21 -3.37
N CYS A 47 -4.22 -9.15 -4.11
CA CYS A 47 -5.10 -9.21 -5.26
C CYS A 47 -4.34 -9.81 -6.45
N GLN A 48 -3.25 -9.15 -6.85
CA GLN A 48 -2.53 -9.43 -8.06
C GLN A 48 -1.66 -10.69 -7.89
N PRO A 49 -1.46 -11.50 -8.95
CA PRO A 49 -0.54 -12.63 -8.92
C PRO A 49 0.89 -12.14 -9.16
N ALA A 50 1.38 -11.26 -8.27
CA ALA A 50 2.61 -10.51 -8.42
C ALA A 50 2.91 -9.76 -7.12
N THR A 51 4.01 -9.00 -7.10
CA THR A 51 4.34 -8.07 -6.04
C THR A 51 4.94 -6.81 -6.66
ZN ZN B . 4.34 -0.65 5.45
ZN ZN C . -6.07 -5.86 -2.22
N ALA A 1 -2.84 5.69 8.78
CA ALA A 1 -3.55 4.44 9.11
C ALA A 1 -2.58 3.26 9.16
N ARG A 2 -2.91 2.24 9.96
CA ARG A 2 -1.98 1.16 10.28
C ARG A 2 -1.84 0.21 9.09
N CYS A 3 -0.63 0.12 8.52
CA CYS A 3 -0.28 -0.89 7.54
C CYS A 3 -0.20 -2.27 8.21
N LYS A 4 -0.71 -3.29 7.51
CA LYS A 4 -0.78 -4.68 7.97
C LYS A 4 0.58 -5.37 7.87
N VAL A 5 1.35 -5.06 6.82
CA VAL A 5 2.63 -5.70 6.54
C VAL A 5 3.61 -5.45 7.69
N CYS A 6 4.05 -4.21 7.86
CA CYS A 6 5.12 -3.87 8.78
C CYS A 6 4.62 -3.80 10.23
N ARG A 7 3.42 -3.25 10.44
CA ARG A 7 2.88 -2.92 11.77
C ARG A 7 3.85 -2.03 12.55
N LYS A 8 4.48 -1.07 11.86
CA LYS A 8 5.45 -0.13 12.41
C LYS A 8 4.88 1.27 12.28
N LYS A 9 4.81 2.01 13.40
CA LYS A 9 4.48 3.42 13.40
C LYS A 9 5.65 4.21 12.79
N GLY A 10 5.41 4.83 11.64
CA GLY A 10 6.34 5.79 11.05
C GLY A 10 5.62 6.61 9.98
N GLU A 11 5.62 6.09 8.75
CA GLU A 11 5.19 6.81 7.55
C GLU A 11 3.71 6.53 7.26
N ASP A 12 2.87 6.48 8.30
CA ASP A 12 1.49 6.03 8.22
C ASP A 12 0.56 7.18 7.84
N ASP A 13 0.86 7.84 6.72
CA ASP A 13 0.23 9.09 6.31
C ASP A 13 -0.95 8.80 5.38
N LYS A 14 -0.65 8.46 4.12
CA LYS A 14 -1.61 8.36 3.03
C LYS A 14 -1.46 6.97 2.40
N LEU A 15 -2.01 5.98 3.09
CA LEU A 15 -1.81 4.56 2.80
C LEU A 15 -2.50 4.20 1.49
N ILE A 16 -1.88 3.30 0.72
CA ILE A 16 -2.51 2.68 -0.43
C ILE A 16 -3.40 1.53 0.08
N LEU A 17 -4.56 1.93 0.62
CA LEU A 17 -5.65 1.03 0.99
C LEU A 17 -6.27 0.47 -0.29
N CYS A 18 -6.18 -0.86 -0.45
CA CYS A 18 -6.52 -1.52 -1.70
C CYS A 18 -8.04 -1.48 -1.97
N ASP A 19 -8.43 -1.10 -3.19
CA ASP A 19 -9.82 -1.01 -3.61
C ASP A 19 -10.54 -2.34 -3.41
N GLU A 20 -9.93 -3.41 -3.93
CA GLU A 20 -10.52 -4.72 -4.05
C GLU A 20 -10.78 -5.35 -2.67
N CYS A 21 -9.72 -5.53 -1.88
CA CYS A 21 -9.72 -6.31 -0.65
C CYS A 21 -9.35 -5.51 0.61
N ASN A 22 -9.22 -4.19 0.51
CA ASN A 22 -9.08 -3.28 1.66
C ASN A 22 -7.98 -3.70 2.62
N LYS A 23 -6.81 -4.05 2.07
CA LYS A 23 -5.59 -4.27 2.81
C LYS A 23 -4.82 -2.95 2.87
N ALA A 24 -4.49 -2.51 4.10
CA ALA A 24 -3.67 -1.35 4.33
C ALA A 24 -2.21 -1.68 4.02
N PHE A 25 -1.68 -1.02 2.98
CA PHE A 25 -0.29 -1.13 2.55
C PHE A 25 0.30 0.27 2.42
N HIS A 26 1.60 0.40 2.72
CA HIS A 26 2.36 1.60 2.38
C HIS A 26 2.83 1.43 0.94
N LEU A 27 3.25 2.52 0.31
CA LEU A 27 3.91 2.45 -0.98
C LEU A 27 5.15 1.55 -0.88
N PHE A 28 6.01 1.82 0.10
CA PHE A 28 7.22 1.06 0.35
C PHE A 28 6.93 -0.45 0.48
N CYS A 29 5.92 -0.79 1.30
CA CYS A 29 5.54 -2.17 1.57
C CYS A 29 4.95 -2.85 0.32
N LEU A 30 4.29 -2.09 -0.56
CA LEU A 30 3.89 -2.58 -1.88
C LEU A 30 5.16 -2.88 -2.68
N ARG A 31 5.89 -1.84 -3.06
CA ARG A 31 7.23 -1.89 -3.63
C ARG A 31 7.93 -0.56 -3.35
N PRO A 32 9.24 -0.55 -3.05
CA PRO A 32 10.03 0.68 -2.98
C PRO A 32 10.42 1.15 -4.39
N ALA A 33 9.41 1.28 -5.25
CA ALA A 33 9.47 1.89 -6.57
C ALA A 33 8.50 3.06 -6.61
N LEU A 34 7.26 2.81 -6.15
CA LEU A 34 6.28 3.84 -5.90
C LEU A 34 6.76 4.71 -4.74
N TYR A 35 6.79 6.03 -4.97
CA TYR A 35 7.11 7.04 -3.96
C TYR A 35 5.94 8.02 -3.83
N GLU A 36 5.28 8.33 -4.95
CA GLU A 36 4.02 9.06 -4.98
C GLU A 36 2.86 8.06 -4.85
N VAL A 37 1.76 8.50 -4.23
CA VAL A 37 0.52 7.72 -4.19
C VAL A 37 -0.13 7.76 -5.57
N PRO A 38 -0.65 6.63 -6.09
CA PRO A 38 -1.48 6.63 -7.27
C PRO A 38 -2.88 7.09 -6.88
N ASP A 39 -3.11 8.40 -6.92
CA ASP A 39 -4.43 9.00 -6.78
C ASP A 39 -5.25 8.76 -8.05
N GLY A 40 -5.63 7.50 -8.28
CA GLY A 40 -6.46 7.07 -9.40
C GLY A 40 -7.02 5.69 -9.14
N GLU A 41 -6.13 4.72 -8.91
CA GLU A 41 -6.47 3.35 -8.53
C GLU A 41 -5.49 2.88 -7.44
N TRP A 42 -5.93 1.97 -6.59
CA TRP A 42 -5.20 1.58 -5.38
C TRP A 42 -5.25 0.06 -5.26
N GLN A 43 -4.13 -0.60 -5.53
CA GLN A 43 -3.99 -2.06 -5.49
C GLN A 43 -2.82 -2.42 -4.58
N CYS A 44 -2.68 -3.72 -4.26
CA CYS A 44 -1.66 -4.27 -3.37
C CYS A 44 -1.04 -5.50 -4.06
N PRO A 45 0.06 -6.08 -3.53
CA PRO A 45 0.81 -7.14 -4.19
C PRO A 45 0.04 -8.46 -4.34
N ALA A 46 -1.01 -8.66 -3.53
CA ALA A 46 -1.90 -9.80 -3.67
C ALA A 46 -2.67 -9.69 -4.99
N CYS A 47 -3.13 -8.48 -5.30
CA CYS A 47 -3.80 -8.17 -6.54
C CYS A 47 -2.79 -8.06 -7.70
N GLN A 48 -1.57 -7.62 -7.39
CA GLN A 48 -0.47 -7.40 -8.32
C GLN A 48 0.70 -8.35 -8.03
N PRO A 49 0.64 -9.62 -8.47
CA PRO A 49 1.74 -10.55 -8.36
C PRO A 49 2.79 -10.26 -9.44
N ALA A 50 3.53 -9.16 -9.27
CA ALA A 50 4.61 -8.75 -10.15
C ALA A 50 5.83 -9.68 -10.00
N THR A 51 6.61 -9.83 -11.08
CA THR A 51 7.88 -10.52 -11.07
C THR A 51 8.81 -9.84 -12.08
ZN ZN B . 3.81 -0.85 6.00
ZN ZN C . -5.73 -6.09 -2.94
N ALA A 1 -1.42 5.77 10.14
CA ALA A 1 -1.80 4.52 10.84
C ALA A 1 -0.77 3.42 10.62
N ARG A 2 -0.90 2.31 11.35
CA ARG A 2 -0.13 1.09 11.11
C ARG A 2 -0.56 0.38 9.82
N CYS A 3 0.09 -0.74 9.51
CA CYS A 3 0.00 -1.44 8.24
C CYS A 3 -0.29 -2.94 8.47
N LYS A 4 -0.74 -3.64 7.42
CA LYS A 4 -0.89 -5.08 7.42
C LYS A 4 0.44 -5.78 7.14
N VAL A 5 1.24 -5.24 6.22
CA VAL A 5 2.54 -5.78 5.85
C VAL A 5 3.51 -5.63 7.01
N CYS A 6 3.99 -4.41 7.26
CA CYS A 6 5.08 -4.16 8.19
C CYS A 6 4.60 -4.12 9.64
N ARG A 7 3.32 -3.85 9.89
CA ARG A 7 2.73 -3.89 11.23
C ARG A 7 3.50 -2.96 12.18
N LYS A 8 3.76 -1.75 11.69
CA LYS A 8 4.65 -0.78 12.31
C LYS A 8 4.31 0.60 11.76
N LYS A 9 3.71 1.44 12.62
CA LYS A 9 3.52 2.85 12.33
C LYS A 9 4.90 3.54 12.36
N GLY A 10 5.18 4.39 11.37
CA GLY A 10 6.41 5.16 11.35
C GLY A 10 6.46 6.04 10.10
N GLU A 11 6.50 5.40 8.93
CA GLU A 11 6.47 6.07 7.63
C GLU A 11 5.04 6.28 7.14
N ASP A 12 4.10 6.52 8.07
CA ASP A 12 2.67 6.52 7.79
C ASP A 12 2.21 7.90 7.31
N ASP A 13 2.88 8.38 6.26
CA ASP A 13 2.55 9.58 5.52
C ASP A 13 1.20 9.43 4.82
N LYS A 14 1.10 8.41 3.97
CA LYS A 14 -0.03 8.17 3.07
C LYS A 14 -0.20 6.66 2.91
N LEU A 15 -1.04 6.05 3.77
CA LEU A 15 -1.48 4.67 3.60
C LEU A 15 -2.42 4.58 2.40
N ILE A 16 -2.05 3.74 1.44
CA ILE A 16 -2.85 3.38 0.28
C ILE A 16 -3.56 2.06 0.59
N LEU A 17 -4.83 2.15 1.00
CA LEU A 17 -5.66 0.98 1.26
C LEU A 17 -5.98 0.28 -0.05
N CYS A 18 -5.92 -1.06 -0.05
CA CYS A 18 -6.40 -1.87 -1.16
C CYS A 18 -7.92 -1.79 -1.21
N ASP A 19 -8.46 -1.17 -2.26
CA ASP A 19 -9.89 -0.97 -2.44
C ASP A 19 -10.64 -2.30 -2.39
N GLU A 20 -10.12 -3.30 -3.10
CA GLU A 20 -10.79 -4.57 -3.36
C GLU A 20 -11.07 -5.32 -2.05
N CYS A 21 -10.01 -5.68 -1.31
CA CYS A 21 -10.10 -6.58 -0.16
C CYS A 21 -9.69 -5.91 1.15
N ASN A 22 -9.63 -4.56 1.18
CA ASN A 22 -9.51 -3.74 2.39
C ASN A 22 -8.30 -4.14 3.26
N LYS A 23 -7.10 -3.76 2.82
CA LYS A 23 -5.87 -3.97 3.54
C LYS A 23 -5.04 -2.69 3.49
N ALA A 24 -4.64 -2.19 4.66
CA ALA A 24 -3.74 -1.05 4.79
C ALA A 24 -2.34 -1.43 4.34
N PHE A 25 -1.91 -0.87 3.20
CA PHE A 25 -0.55 -0.91 2.69
C PHE A 25 0.02 0.50 2.61
N HIS A 26 1.32 0.66 2.89
CA HIS A 26 2.01 1.91 2.59
C HIS A 26 2.32 1.92 1.10
N LEU A 27 2.59 3.13 0.57
CA LEU A 27 3.13 3.31 -0.77
C LEU A 27 4.42 2.52 -0.93
N PHE A 28 5.33 2.67 0.04
CA PHE A 28 6.52 1.85 0.19
C PHE A 28 6.23 0.35 0.06
N CYS A 29 5.25 -0.14 0.84
CA CYS A 29 4.97 -1.57 0.96
C CYS A 29 4.42 -2.14 -0.35
N LEU A 30 3.67 -1.34 -1.14
CA LEU A 30 3.31 -1.73 -2.49
C LEU A 30 4.58 -1.84 -3.33
N ARG A 31 5.21 -0.69 -3.59
CA ARG A 31 6.37 -0.55 -4.44
C ARG A 31 7.22 0.62 -3.92
N PRO A 32 8.52 0.40 -3.66
CA PRO A 32 9.37 1.36 -2.95
C PRO A 32 9.42 2.73 -3.65
N ALA A 33 9.37 2.74 -4.98
CA ALA A 33 9.43 3.95 -5.80
C ALA A 33 8.23 4.88 -5.59
N LEU A 34 7.10 4.36 -5.09
CA LEU A 34 5.98 5.21 -4.71
C LEU A 34 6.32 5.95 -3.42
N TYR A 35 6.42 7.28 -3.53
CA TYR A 35 6.52 8.22 -2.41
C TYR A 35 5.23 9.03 -2.31
N GLU A 36 4.71 9.46 -3.47
CA GLU A 36 3.40 10.06 -3.63
C GLU A 36 2.44 9.03 -4.23
N VAL A 37 1.14 9.34 -4.21
CA VAL A 37 0.09 8.39 -4.54
C VAL A 37 0.12 8.06 -6.04
N PRO A 38 -0.14 6.80 -6.44
CA PRO A 38 -0.36 6.45 -7.84
C PRO A 38 -1.79 6.80 -8.21
N ASP A 39 -1.97 7.76 -9.12
CA ASP A 39 -3.27 8.03 -9.72
C ASP A 39 -3.56 6.97 -10.79
N GLY A 40 -3.83 5.75 -10.34
CA GLY A 40 -3.98 4.59 -11.21
C GLY A 40 -4.52 3.41 -10.40
N GLU A 41 -3.62 2.55 -9.91
CA GLU A 41 -3.97 1.29 -9.28
C GLU A 41 -4.02 1.46 -7.76
N TRP A 42 -5.03 0.88 -7.13
CA TRP A 42 -5.36 1.09 -5.72
C TRP A 42 -5.67 -0.27 -5.09
N GLN A 43 -4.67 -1.16 -5.12
CA GLN A 43 -4.80 -2.57 -4.80
C GLN A 43 -3.52 -3.08 -4.14
N CYS A 44 -3.56 -4.32 -3.62
CA CYS A 44 -2.41 -5.00 -3.03
C CYS A 44 -1.77 -5.96 -4.06
N PRO A 45 -0.54 -6.44 -3.80
CA PRO A 45 0.13 -7.41 -4.67
C PRO A 45 -0.65 -8.71 -4.93
N ALA A 46 -1.54 -9.10 -4.01
CA ALA A 46 -2.27 -10.35 -4.10
C ALA A 46 -3.37 -10.24 -5.15
N CYS A 47 -4.05 -9.09 -5.21
CA CYS A 47 -4.97 -8.77 -6.29
C CYS A 47 -4.20 -8.61 -7.60
N GLN A 48 -3.12 -7.83 -7.56
CA GLN A 48 -2.35 -7.43 -8.73
C GLN A 48 -1.59 -8.64 -9.31
N PRO A 49 -1.19 -8.58 -10.59
CA PRO A 49 -0.25 -9.56 -11.15
C PRO A 49 1.15 -9.41 -10.55
N ALA A 50 1.30 -9.82 -9.28
CA ALA A 50 2.48 -9.56 -8.47
C ALA A 50 2.48 -10.53 -7.28
N THR A 51 3.48 -10.40 -6.40
CA THR A 51 3.69 -11.26 -5.23
C THR A 51 3.80 -10.37 -3.99
ZN ZN B . 3.61 -0.88 5.76
ZN ZN C . -6.26 -6.73 -2.38
N ALA A 1 -5.45 4.29 9.57
CA ALA A 1 -4.98 3.06 8.90
C ALA A 1 -3.79 2.45 9.66
N ARG A 2 -3.50 1.18 9.39
CA ARG A 2 -2.31 0.49 9.86
C ARG A 2 -1.92 -0.57 8.85
N CYS A 3 -0.65 -0.54 8.40
CA CYS A 3 -0.19 -1.35 7.27
C CYS A 3 -0.17 -2.83 7.65
N LYS A 4 -0.67 -3.68 6.74
CA LYS A 4 -0.60 -5.13 6.83
C LYS A 4 0.84 -5.61 7.01
N VAL A 5 1.72 -5.14 6.12
CA VAL A 5 3.10 -5.56 6.03
C VAL A 5 3.87 -5.15 7.30
N CYS A 6 3.89 -3.85 7.62
CA CYS A 6 4.73 -3.31 8.67
C CYS A 6 4.14 -3.60 10.05
N ARG A 7 2.86 -3.24 10.23
CA ARG A 7 2.17 -3.23 11.52
C ARG A 7 2.87 -2.29 12.50
N LYS A 8 3.47 -1.21 12.01
CA LYS A 8 4.19 -0.22 12.79
C LYS A 8 3.40 1.08 12.82
N LYS A 9 3.40 1.77 13.97
CA LYS A 9 2.91 3.13 14.13
C LYS A 9 4.10 4.07 14.14
N GLY A 10 4.16 4.99 13.18
CA GLY A 10 5.33 5.83 12.96
C GLY A 10 5.26 6.46 11.57
N GLU A 11 5.37 5.62 10.54
CA GLU A 11 5.30 6.03 9.14
C GLU A 11 3.83 6.17 8.69
N ASP A 12 3.06 6.98 9.43
CA ASP A 12 1.63 7.15 9.21
C ASP A 12 1.42 8.24 8.15
N ASP A 13 2.10 8.11 7.01
CA ASP A 13 2.21 9.14 5.98
C ASP A 13 1.67 8.61 4.65
N LYS A 14 2.48 7.83 3.93
CA LYS A 14 2.20 7.43 2.54
C LYS A 14 1.59 6.03 2.52
N LEU A 15 0.42 5.89 3.16
CA LEU A 15 -0.40 4.68 3.05
C LEU A 15 -1.10 4.63 1.68
N ILE A 16 -1.47 3.42 1.27
CA ILE A 16 -2.21 3.11 0.07
C ILE A 16 -2.97 1.80 0.30
N LEU A 17 -4.30 1.88 0.33
CA LEU A 17 -5.17 0.73 0.52
C LEU A 17 -5.52 0.11 -0.84
N CYS A 18 -5.71 -1.21 -0.85
CA CYS A 18 -6.25 -1.94 -1.99
C CYS A 18 -7.73 -1.60 -2.18
N ASP A 19 -8.14 -1.31 -3.41
CA ASP A 19 -9.52 -1.00 -3.75
C ASP A 19 -10.45 -2.15 -3.34
N GLU A 20 -10.09 -3.37 -3.74
CA GLU A 20 -10.93 -4.56 -3.64
C GLU A 20 -11.25 -4.91 -2.18
N CYS A 21 -10.21 -5.17 -1.37
CA CYS A 21 -10.33 -5.74 -0.03
C CYS A 21 -9.77 -4.83 1.07
N ASN A 22 -9.27 -3.64 0.73
CA ASN A 22 -8.92 -2.60 1.69
C ASN A 22 -7.84 -3.03 2.68
N LYS A 23 -6.90 -3.86 2.20
CA LYS A 23 -5.68 -4.19 2.92
C LYS A 23 -4.70 -3.04 2.70
N ALA A 24 -4.12 -2.54 3.79
CA ALA A 24 -3.30 -1.34 3.79
C ALA A 24 -1.84 -1.70 3.49
N PHE A 25 -1.24 -0.98 2.54
CA PHE A 25 0.17 -1.04 2.19
C PHE A 25 0.74 0.38 2.24
N HIS A 26 2.06 0.52 2.09
CA HIS A 26 2.71 1.81 1.86
C HIS A 26 3.25 1.79 0.44
N LEU A 27 3.68 2.96 -0.05
CA LEU A 27 4.43 3.04 -1.29
C LEU A 27 5.73 2.24 -1.14
N PHE A 28 6.35 2.29 0.04
CA PHE A 28 7.50 1.47 0.43
C PHE A 28 7.26 -0.01 0.12
N CYS A 29 6.13 -0.54 0.58
CA CYS A 29 5.82 -1.96 0.58
C CYS A 29 5.35 -2.40 -0.81
N LEU A 30 4.55 -1.54 -1.48
CA LEU A 30 4.08 -1.68 -2.84
C LEU A 30 5.28 -1.76 -3.79
N ARG A 31 6.00 -0.65 -3.91
CA ARG A 31 7.19 -0.49 -4.75
C ARG A 31 7.85 0.83 -4.35
N PRO A 32 9.00 0.80 -3.65
CA PRO A 32 9.60 1.97 -3.02
C PRO A 32 10.02 3.06 -4.01
N ALA A 33 10.11 2.75 -5.31
CA ALA A 33 10.29 3.72 -6.38
C ALA A 33 9.24 4.83 -6.34
N LEU A 34 8.00 4.50 -5.95
CA LEU A 34 6.95 5.47 -5.73
C LEU A 34 7.21 6.24 -4.44
N TYR A 35 7.02 7.56 -4.50
CA TYR A 35 7.01 8.46 -3.34
C TYR A 35 5.73 9.29 -3.33
N GLU A 36 5.23 9.65 -4.51
CA GLU A 36 3.91 10.25 -4.69
C GLU A 36 2.85 9.15 -4.61
N VAL A 37 1.65 9.49 -4.12
CA VAL A 37 0.53 8.56 -4.02
C VAL A 37 -0.13 8.45 -5.41
N PRO A 38 -0.39 7.23 -5.92
CA PRO A 38 -1.20 7.04 -7.09
C PRO A 38 -2.67 6.99 -6.67
N ASP A 39 -3.32 8.15 -6.64
CA ASP A 39 -4.74 8.28 -6.31
C ASP A 39 -5.59 7.87 -7.51
N GLY A 40 -5.50 6.58 -7.89
CA GLY A 40 -6.36 5.93 -8.85
C GLY A 40 -6.62 4.48 -8.43
N GLU A 41 -7.12 3.67 -9.36
CA GLU A 41 -7.37 2.26 -9.13
C GLU A 41 -6.05 1.53 -8.85
N TRP A 42 -6.02 0.76 -7.75
CA TRP A 42 -4.94 -0.16 -7.45
C TRP A 42 -5.48 -1.32 -6.60
N GLN A 43 -4.87 -2.50 -6.75
CA GLN A 43 -5.11 -3.64 -5.89
C GLN A 43 -3.80 -4.32 -5.52
N CYS A 44 -3.82 -5.11 -4.43
CA CYS A 44 -2.63 -5.65 -3.79
C CYS A 44 -2.27 -7.00 -4.41
N PRO A 45 -1.00 -7.44 -4.26
CA PRO A 45 -0.54 -8.78 -4.58
C PRO A 45 -1.22 -9.94 -3.83
N ALA A 46 -2.23 -9.67 -2.99
CA ALA A 46 -3.08 -10.71 -2.43
C ALA A 46 -4.22 -11.06 -3.39
N CYS A 47 -4.75 -10.06 -4.13
CA CYS A 47 -5.84 -10.28 -5.06
C CYS A 47 -5.31 -10.95 -6.33
N GLN A 48 -4.52 -10.22 -7.12
CA GLN A 48 -3.75 -10.76 -8.23
C GLN A 48 -2.47 -11.39 -7.67
N PRO A 49 -1.89 -12.37 -8.38
CA PRO A 49 -0.56 -12.87 -8.04
C PRO A 49 0.53 -11.79 -8.21
N ALA A 50 1.68 -12.01 -7.56
CA ALA A 50 2.87 -11.22 -7.76
C ALA A 50 3.52 -11.59 -9.10
N THR A 51 2.94 -11.09 -10.20
CA THR A 51 3.48 -11.22 -11.54
C THR A 51 4.76 -10.38 -11.67
ZN ZN B . 3.95 -0.80 5.16
ZN ZN C . -6.51 -6.65 -2.21
N ALA A 1 -5.70 3.61 10.59
CA ALA A 1 -5.07 2.60 9.72
C ALA A 1 -3.73 2.15 10.29
N ARG A 2 -3.30 0.92 9.94
CA ARG A 2 -1.97 0.40 10.21
C ARG A 2 -1.68 -0.70 9.18
N CYS A 3 -0.43 -0.79 8.73
CA CYS A 3 -0.05 -1.62 7.59
C CYS A 3 -0.14 -3.11 7.92
N LYS A 4 -0.54 -3.91 6.93
CA LYS A 4 -0.52 -5.36 6.97
C LYS A 4 0.91 -5.88 7.06
N VAL A 5 1.74 -5.49 6.07
CA VAL A 5 3.07 -6.03 5.84
C VAL A 5 3.99 -5.82 7.04
N CYS A 6 4.49 -4.60 7.24
CA CYS A 6 5.43 -4.30 8.31
C CYS A 6 4.72 -4.21 9.65
N ARG A 7 3.53 -3.59 9.68
CA ARG A 7 2.77 -3.31 10.90
C ARG A 7 3.62 -2.56 11.92
N LYS A 8 4.26 -1.47 11.45
CA LYS A 8 4.97 -0.51 12.26
C LYS A 8 4.32 0.86 12.07
N LYS A 9 4.46 1.74 13.06
CA LYS A 9 4.05 3.14 12.96
C LYS A 9 5.24 4.08 13.16
N GLY A 10 4.99 5.38 13.01
CA GLY A 10 6.00 6.43 12.94
C GLY A 10 5.90 7.07 11.55
N GLU A 11 6.01 6.23 10.51
CA GLU A 11 5.73 6.57 9.12
C GLU A 11 4.22 6.62 8.85
N ASP A 12 3.46 7.30 9.72
CA ASP A 12 2.03 7.54 9.57
C ASP A 12 1.81 8.66 8.56
N ASP A 13 2.17 8.39 7.30
CA ASP A 13 2.27 9.36 6.23
C ASP A 13 1.23 9.05 5.14
N LYS A 14 1.18 7.80 4.69
CA LYS A 14 0.37 7.38 3.55
C LYS A 14 0.06 5.88 3.63
N LEU A 15 -0.87 5.52 4.54
CA LEU A 15 -1.46 4.19 4.60
C LEU A 15 -2.49 4.08 3.47
N ILE A 16 -2.03 3.66 2.28
CA ILE A 16 -2.89 3.32 1.15
C ILE A 16 -3.66 2.03 1.46
N LEU A 17 -4.99 2.10 1.42
CA LEU A 17 -5.86 0.93 1.47
C LEU A 17 -6.12 0.46 0.04
N CYS A 18 -6.10 -0.86 -0.19
CA CYS A 18 -6.54 -1.46 -1.43
C CYS A 18 -8.05 -1.32 -1.55
N ASP A 19 -8.53 -0.69 -2.63
CA ASP A 19 -9.95 -0.46 -2.89
C ASP A 19 -10.73 -1.77 -2.86
N GLU A 20 -10.19 -2.80 -3.55
CA GLU A 20 -10.86 -4.05 -3.82
C GLU A 20 -11.16 -4.82 -2.54
N CYS A 21 -10.11 -5.18 -1.79
CA CYS A 21 -10.19 -6.10 -0.65
C CYS A 21 -9.94 -5.43 0.69
N ASN A 22 -9.75 -4.10 0.72
CA ASN A 22 -9.71 -3.30 1.93
C ASN A 22 -8.57 -3.73 2.86
N LYS A 23 -7.34 -3.67 2.35
CA LYS A 23 -6.12 -4.07 3.04
C LYS A 23 -5.16 -2.89 3.09
N ALA A 24 -4.77 -2.49 4.30
CA ALA A 24 -3.93 -1.33 4.56
C ALA A 24 -2.46 -1.66 4.30
N PHE A 25 -1.77 -0.76 3.60
CA PHE A 25 -0.43 -0.94 3.06
C PHE A 25 0.23 0.44 3.00
N HIS A 26 1.56 0.50 3.10
CA HIS A 26 2.29 1.72 2.79
C HIS A 26 2.61 1.70 1.30
N LEU A 27 2.86 2.86 0.70
CA LEU A 27 3.39 2.94 -0.64
C LEU A 27 4.76 2.24 -0.73
N PHE A 28 5.57 2.34 0.34
CA PHE A 28 6.78 1.56 0.50
C PHE A 28 6.52 0.07 0.30
N CYS A 29 5.58 -0.48 1.07
CA CYS A 29 5.33 -1.91 1.18
C CYS A 29 4.60 -2.44 -0.05
N LEU A 30 3.79 -1.57 -0.70
CA LEU A 30 3.19 -1.83 -2.00
C LEU A 30 4.32 -2.02 -3.01
N ARG A 31 5.04 -0.94 -3.30
CA ARG A 31 6.11 -0.89 -4.29
C ARG A 31 6.85 0.44 -4.14
N PRO A 32 8.09 0.46 -3.64
CA PRO A 32 8.78 1.67 -3.25
C PRO A 32 8.97 2.64 -4.43
N ALA A 33 9.17 2.13 -5.65
CA ALA A 33 9.22 2.92 -6.87
C ALA A 33 8.05 3.91 -6.97
N LEU A 34 6.85 3.46 -6.60
CA LEU A 34 5.70 4.34 -6.42
C LEU A 34 5.87 5.02 -5.07
N TYR A 35 6.70 6.07 -5.02
CA TYR A 35 6.80 6.96 -3.88
C TYR A 35 5.53 7.79 -3.75
N GLU A 36 5.02 8.27 -4.90
CA GLU A 36 3.72 8.89 -5.04
C GLU A 36 2.64 7.81 -5.15
N VAL A 37 1.37 8.21 -4.98
CA VAL A 37 0.22 7.32 -5.04
C VAL A 37 0.06 6.80 -6.48
N PRO A 38 -0.32 5.52 -6.67
CA PRO A 38 -0.72 5.02 -7.98
C PRO A 38 -2.16 5.46 -8.21
N ASP A 39 -2.35 6.55 -8.97
CA ASP A 39 -3.64 7.21 -9.10
C ASP A 39 -4.50 6.50 -10.16
N GLY A 40 -4.76 5.21 -9.92
CA GLY A 40 -5.51 4.36 -10.82
C GLY A 40 -5.67 2.97 -10.20
N GLU A 41 -4.56 2.23 -10.09
CA GLU A 41 -4.50 0.96 -9.40
C GLU A 41 -4.23 1.19 -7.91
N TRP A 42 -5.23 1.76 -7.23
CA TRP A 42 -5.27 1.87 -5.77
C TRP A 42 -5.49 0.48 -5.18
N GLN A 43 -4.42 -0.31 -5.17
CA GLN A 43 -4.45 -1.74 -4.87
C GLN A 43 -3.22 -2.14 -4.06
N CYS A 44 -3.28 -3.34 -3.49
CA CYS A 44 -2.15 -4.00 -2.86
C CYS A 44 -1.51 -4.91 -3.93
N PRO A 45 -0.19 -5.14 -3.89
CA PRO A 45 0.54 -5.77 -4.98
C PRO A 45 0.14 -7.25 -5.21
N ALA A 46 -0.58 -7.86 -4.27
CA ALA A 46 -1.18 -9.17 -4.45
C ALA A 46 -2.27 -9.12 -5.52
N CYS A 47 -3.09 -8.06 -5.49
CA CYS A 47 -4.17 -7.89 -6.45
C CYS A 47 -3.65 -7.50 -7.83
N GLN A 48 -2.59 -6.68 -7.89
CA GLN A 48 -2.11 -6.07 -9.13
C GLN A 48 -1.50 -7.15 -10.04
N PRO A 49 -2.13 -7.47 -11.18
CA PRO A 49 -1.71 -8.60 -12.00
C PRO A 49 -0.42 -8.24 -12.76
N ALA A 50 -0.39 -7.06 -13.40
CA ALA A 50 0.80 -6.47 -13.98
C ALA A 50 0.57 -4.96 -14.08
N THR A 51 0.34 -4.32 -12.93
CA THR A 51 0.06 -2.90 -12.80
C THR A 51 0.79 -2.35 -11.57
ZN ZN B . 4.07 -1.05 5.88
ZN ZN C . -6.01 -5.98 -2.56
N ALA A 1 -2.29 5.32 9.55
CA ALA A 1 -2.66 3.96 9.98
C ALA A 1 -1.44 3.04 9.94
N ARG A 2 -1.56 1.83 10.53
CA ARG A 2 -0.57 0.78 10.38
C ARG A 2 -0.76 0.02 9.05
N CYS A 3 0.09 -0.96 8.81
CA CYS A 3 0.24 -1.66 7.53
C CYS A 3 -0.09 -3.15 7.66
N LYS A 4 -0.33 -3.81 6.53
CA LYS A 4 -0.44 -5.25 6.41
C LYS A 4 0.93 -5.91 6.54
N VAL A 5 1.88 -5.42 5.73
CA VAL A 5 3.20 -6.01 5.54
C VAL A 5 4.06 -5.80 6.79
N CYS A 6 4.63 -4.60 6.94
CA CYS A 6 5.57 -4.30 8.01
C CYS A 6 4.86 -4.16 9.37
N ARG A 7 3.55 -3.87 9.35
CA ARG A 7 2.63 -3.89 10.48
C ARG A 7 3.16 -3.17 11.72
N LYS A 8 3.48 -1.88 11.53
CA LYS A 8 3.80 -0.93 12.58
C LYS A 8 3.02 0.35 12.29
N LYS A 9 2.44 0.97 13.33
CA LYS A 9 1.85 2.30 13.21
C LYS A 9 2.95 3.36 13.28
N GLY A 10 3.92 3.29 12.35
CA GLY A 10 5.13 4.07 12.37
C GLY A 10 5.01 5.20 11.37
N GLU A 11 5.08 4.85 10.07
CA GLU A 11 5.12 5.80 8.98
C GLU A 11 3.68 6.13 8.59
N ASP A 12 2.98 6.86 9.46
CA ASP A 12 1.65 7.41 9.20
C ASP A 12 1.76 8.58 8.22
N ASP A 13 2.16 8.29 6.98
CA ASP A 13 2.55 9.25 5.96
C ASP A 13 1.51 9.25 4.84
N LYS A 14 1.59 8.28 3.93
CA LYS A 14 0.79 8.20 2.72
C LYS A 14 0.51 6.72 2.42
N LEU A 15 -0.32 6.07 3.24
CA LEU A 15 -0.65 4.67 3.03
C LEU A 15 -1.64 4.53 1.88
N ILE A 16 -1.23 3.72 0.89
CA ILE A 16 -2.08 3.27 -0.20
C ILE A 16 -2.94 2.13 0.34
N LEU A 17 -4.22 2.42 0.60
CA LEU A 17 -5.20 1.39 0.90
C LEU A 17 -5.61 0.70 -0.40
N CYS A 18 -6.03 -0.56 -0.28
CA CYS A 18 -6.59 -1.31 -1.39
C CYS A 18 -8.10 -1.05 -1.49
N ASP A 19 -8.53 -0.58 -2.67
CA ASP A 19 -9.95 -0.40 -3.02
C ASP A 19 -10.74 -1.69 -2.81
N GLU A 20 -10.30 -2.77 -3.44
CA GLU A 20 -11.00 -4.02 -3.59
C GLU A 20 -11.40 -4.62 -2.24
N CYS A 21 -10.41 -4.94 -1.39
CA CYS A 21 -10.60 -5.72 -0.17
C CYS A 21 -10.16 -4.98 1.10
N ASN A 22 -9.85 -3.67 1.02
CA ASN A 22 -9.63 -2.81 2.19
C ASN A 22 -8.49 -3.34 3.05
N LYS A 23 -7.25 -3.17 2.56
CA LYS A 23 -6.02 -3.60 3.19
C LYS A 23 -4.98 -2.49 3.05
N ALA A 24 -4.31 -2.14 4.16
CA ALA A 24 -3.44 -0.98 4.24
C ALA A 24 -2.01 -1.36 3.87
N PHE A 25 -1.40 -0.61 2.94
CA PHE A 25 -0.01 -0.78 2.52
C PHE A 25 0.66 0.59 2.44
N HIS A 26 1.97 0.63 2.69
CA HIS A 26 2.76 1.82 2.39
C HIS A 26 3.20 1.73 0.94
N LEU A 27 3.43 2.89 0.32
CA LEU A 27 4.06 2.96 -0.99
C LEU A 27 5.42 2.25 -0.97
N PHE A 28 6.17 2.44 0.13
CA PHE A 28 7.40 1.74 0.45
C PHE A 28 7.27 0.22 0.24
N CYS A 29 6.24 -0.38 0.86
CA CYS A 29 6.07 -1.83 0.93
C CYS A 29 5.72 -2.40 -0.44
N LEU A 30 5.00 -1.63 -1.27
CA LEU A 30 4.80 -1.98 -2.67
C LEU A 30 6.12 -1.87 -3.43
N ARG A 31 6.61 -0.63 -3.58
CA ARG A 31 7.94 -0.31 -4.09
C ARG A 31 8.20 1.18 -3.90
N PRO A 32 9.37 1.58 -3.36
CA PRO A 32 9.66 2.95 -2.97
C PRO A 32 9.70 3.92 -4.16
N ALA A 33 9.87 3.39 -5.38
CA ALA A 33 9.72 4.13 -6.64
C ALA A 33 8.40 4.89 -6.71
N LEU A 34 7.33 4.36 -6.10
CA LEU A 34 6.09 5.08 -5.90
C LEU A 34 6.32 6.18 -4.86
N TYR A 35 6.72 7.36 -5.31
CA TYR A 35 6.95 8.52 -4.44
C TYR A 35 5.62 9.10 -3.97
N GLU A 36 4.66 9.21 -4.91
CA GLU A 36 3.28 9.60 -4.65
C GLU A 36 2.34 8.41 -4.90
N VAL A 37 1.06 8.59 -4.57
CA VAL A 37 0.06 7.53 -4.54
C VAL A 37 -0.47 7.30 -5.96
N PRO A 38 -0.55 6.05 -6.44
CA PRO A 38 -1.25 5.72 -7.68
C PRO A 38 -2.72 5.50 -7.35
N ASP A 39 -3.49 6.58 -7.27
CA ASP A 39 -4.94 6.56 -7.18
C ASP A 39 -5.54 6.15 -8.53
N GLY A 40 -5.28 4.91 -8.93
CA GLY A 40 -5.71 4.29 -10.17
C GLY A 40 -5.52 2.79 -10.01
N GLU A 41 -4.25 2.37 -9.90
CA GLU A 41 -3.87 1.02 -9.51
C GLU A 41 -3.84 0.95 -7.98
N TRP A 42 -4.95 1.36 -7.34
CA TRP A 42 -5.02 1.58 -5.91
C TRP A 42 -5.41 0.28 -5.20
N GLN A 43 -4.54 -0.73 -5.31
CA GLN A 43 -4.79 -2.11 -4.89
C GLN A 43 -3.59 -2.65 -4.12
N CYS A 44 -3.68 -3.92 -3.68
CA CYS A 44 -2.60 -4.63 -3.00
C CYS A 44 -2.15 -5.86 -3.79
N PRO A 45 -0.91 -6.33 -3.54
CA PRO A 45 -0.40 -7.61 -4.04
C PRO A 45 -1.21 -8.85 -3.66
N ALA A 46 -2.04 -8.78 -2.61
CA ALA A 46 -2.89 -9.90 -2.22
C ALA A 46 -3.97 -10.13 -3.28
N CYS A 47 -4.40 -9.07 -3.97
CA CYS A 47 -5.24 -9.19 -5.14
C CYS A 47 -4.44 -9.73 -6.32
N GLN A 48 -3.36 -9.02 -6.69
CA GLN A 48 -2.60 -9.28 -7.91
C GLN A 48 -1.11 -9.29 -7.55
N PRO A 49 -0.52 -10.46 -7.24
CA PRO A 49 0.86 -10.57 -6.81
C PRO A 49 1.81 -10.45 -8.01
N ALA A 50 3.10 -10.35 -7.73
CA ALA A 50 4.15 -10.46 -8.73
C ALA A 50 4.18 -11.87 -9.32
N THR A 51 4.43 -11.97 -10.63
CA THR A 51 4.51 -13.24 -11.34
C THR A 51 5.45 -13.06 -12.53
ZN ZN B . 4.22 -1.01 5.54
ZN ZN C . -6.66 -6.04 -2.08
N ALA A 1 -1.68 4.74 10.21
CA ALA A 1 -2.20 3.51 10.84
C ALA A 1 -1.22 2.35 10.67
N ARG A 2 -1.63 1.14 11.07
CA ARG A 2 -0.83 -0.07 10.87
C ARG A 2 -0.76 -0.46 9.40
N CYS A 3 0.06 -1.48 9.10
CA CYS A 3 0.35 -1.97 7.76
C CYS A 3 0.24 -3.49 7.74
N LYS A 4 -0.09 -4.07 6.58
CA LYS A 4 -0.08 -5.51 6.37
C LYS A 4 1.35 -6.04 6.50
N VAL A 5 2.28 -5.42 5.76
CA VAL A 5 3.64 -5.89 5.56
C VAL A 5 4.43 -5.73 6.86
N CYS A 6 4.78 -4.49 7.21
CA CYS A 6 5.71 -4.21 8.29
C CYS A 6 5.03 -4.22 9.67
N ARG A 7 3.71 -3.97 9.71
CA ARG A 7 2.95 -3.77 10.95
C ARG A 7 3.60 -2.69 11.81
N LYS A 8 3.90 -1.53 11.20
CA LYS A 8 4.33 -0.33 11.90
C LYS A 8 3.31 0.78 11.67
N LYS A 9 3.35 1.78 12.55
CA LYS A 9 2.64 3.04 12.41
C LYS A 9 3.61 4.15 12.82
N GLY A 10 4.06 4.94 11.84
CA GLY A 10 5.15 5.88 12.04
C GLY A 10 5.46 6.64 10.76
N GLU A 11 5.84 5.90 9.70
CA GLU A 11 6.00 6.45 8.36
C GLU A 11 4.65 6.61 7.67
N ASP A 12 3.67 7.19 8.37
CA ASP A 12 2.27 7.21 7.94
C ASP A 12 2.02 8.46 7.10
N ASP A 13 2.74 8.54 5.97
CA ASP A 13 2.58 9.60 4.98
C ASP A 13 1.22 9.49 4.31
N LYS A 14 1.05 8.44 3.49
CA LYS A 14 -0.10 8.26 2.61
C LYS A 14 -0.30 6.75 2.44
N LEU A 15 -1.06 6.12 3.34
CA LEU A 15 -1.32 4.69 3.26
C LEU A 15 -2.24 4.39 2.08
N ILE A 16 -1.71 3.64 1.10
CA ILE A 16 -2.47 3.07 0.00
C ILE A 16 -3.29 1.89 0.53
N LEU A 17 -4.48 2.21 1.06
CA LEU A 17 -5.49 1.22 1.41
C LEU A 17 -6.05 0.63 0.11
N CYS A 18 -5.95 -0.70 -0.01
CA CYS A 18 -6.42 -1.42 -1.18
C CYS A 18 -7.94 -1.40 -1.23
N ASP A 19 -8.49 -0.73 -2.25
CA ASP A 19 -9.93 -0.54 -2.41
C ASP A 19 -10.65 -1.89 -2.51
N GLU A 20 -10.09 -2.80 -3.32
CA GLU A 20 -10.72 -4.04 -3.71
C GLU A 20 -11.05 -4.91 -2.49
N CYS A 21 -10.03 -5.29 -1.72
CA CYS A 21 -10.14 -6.28 -0.65
C CYS A 21 -9.77 -5.72 0.73
N ASN A 22 -9.56 -4.40 0.85
CA ASN A 22 -9.43 -3.69 2.12
C ASN A 22 -8.24 -4.19 2.95
N LYS A 23 -7.03 -3.80 2.53
CA LYS A 23 -5.77 -4.13 3.16
C LYS A 23 -4.89 -2.89 3.20
N ALA A 24 -4.35 -2.56 4.38
CA ALA A 24 -3.55 -1.36 4.61
C ALA A 24 -2.11 -1.62 4.18
N PHE A 25 -1.53 -0.67 3.42
CA PHE A 25 -0.16 -0.73 2.96
C PHE A 25 0.40 0.69 2.88
N HIS A 26 1.67 0.88 3.28
CA HIS A 26 2.37 2.13 3.01
C HIS A 26 2.81 2.04 1.55
N LEU A 27 3.04 3.17 0.89
CA LEU A 27 3.51 3.20 -0.49
C LEU A 27 4.82 2.43 -0.64
N PHE A 28 5.75 2.64 0.30
CA PHE A 28 7.03 1.92 0.35
C PHE A 28 6.81 0.40 0.35
N CYS A 29 5.92 -0.06 1.25
CA CYS A 29 5.66 -1.47 1.45
C CYS A 29 4.92 -2.07 0.24
N LEU A 30 4.11 -1.26 -0.45
CA LEU A 30 3.47 -1.61 -1.71
C LEU A 30 4.55 -1.92 -2.74
N ARG A 31 5.35 -0.90 -3.11
CA ARG A 31 6.56 -1.01 -3.91
C ARG A 31 7.53 0.07 -3.44
N PRO A 32 8.81 -0.24 -3.22
CA PRO A 32 9.77 0.70 -2.64
C PRO A 32 9.91 1.96 -3.50
N ALA A 33 9.75 1.83 -4.81
CA ALA A 33 9.76 2.93 -5.77
C ALA A 33 8.67 3.97 -5.51
N LEU A 34 7.50 3.55 -5.01
CA LEU A 34 6.39 4.45 -4.76
C LEU A 34 6.65 5.26 -3.50
N TYR A 35 6.68 6.60 -3.65
CA TYR A 35 6.70 7.58 -2.58
C TYR A 35 5.44 8.45 -2.64
N GLU A 36 4.71 8.39 -3.76
CA GLU A 36 3.54 9.19 -4.09
C GLU A 36 2.43 8.25 -4.55
N VAL A 37 1.17 8.69 -4.44
CA VAL A 37 0.00 7.83 -4.64
C VAL A 37 -0.21 7.57 -6.12
N PRO A 38 -0.46 6.30 -6.52
CA PRO A 38 -0.92 5.99 -7.88
C PRO A 38 -2.42 6.19 -7.92
N ASP A 39 -2.86 7.28 -8.58
CA ASP A 39 -4.26 7.70 -8.58
C ASP A 39 -5.04 6.90 -9.64
N GLY A 40 -5.08 5.58 -9.46
CA GLY A 40 -5.82 4.66 -10.30
C GLY A 40 -5.72 3.25 -9.70
N GLU A 41 -4.48 2.77 -9.50
CA GLU A 41 -4.20 1.43 -9.04
C GLU A 41 -4.26 1.39 -7.51
N TRP A 42 -5.44 1.66 -6.95
CA TRP A 42 -5.70 1.62 -5.52
C TRP A 42 -5.96 0.17 -5.09
N GLN A 43 -4.89 -0.64 -5.13
CA GLN A 43 -4.96 -2.08 -4.90
C GLN A 43 -3.71 -2.55 -4.14
N CYS A 44 -3.62 -3.87 -3.86
CA CYS A 44 -2.42 -4.51 -3.34
C CYS A 44 -1.90 -5.55 -4.35
N PRO A 45 -0.62 -5.97 -4.22
CA PRO A 45 -0.02 -7.03 -5.02
C PRO A 45 -0.77 -8.35 -5.07
N ALA A 46 -1.67 -8.62 -4.11
CA ALA A 46 -2.50 -9.83 -4.13
C ALA A 46 -3.50 -9.80 -5.28
N CYS A 47 -4.03 -8.61 -5.62
CA CYS A 47 -5.12 -8.47 -6.56
C CYS A 47 -4.64 -8.75 -7.98
N GLN A 48 -3.62 -8.00 -8.42
CA GLN A 48 -2.91 -8.24 -9.66
C GLN A 48 -2.08 -9.52 -9.57
N PRO A 49 -1.67 -10.09 -10.73
CA PRO A 49 -0.71 -11.18 -10.78
C PRO A 49 0.72 -10.64 -10.75
N ALA A 50 1.04 -9.70 -11.66
CA ALA A 50 2.37 -9.17 -11.84
C ALA A 50 2.27 -7.84 -12.60
N THR A 51 3.24 -6.94 -12.37
CA THR A 51 3.29 -5.63 -13.00
C THR A 51 3.99 -5.76 -14.36
ZN ZN B . 4.22 -0.67 6.07
ZN ZN C . -6.14 -6.22 -2.60
N ALA A 1 -0.70 4.97 11.03
CA ALA A 1 -1.28 3.87 11.81
C ALA A 1 -0.52 2.56 11.59
N ARG A 2 -0.99 1.46 12.18
CA ARG A 2 -0.45 0.13 11.93
C ARG A 2 -0.87 -0.38 10.55
N CYS A 3 0.08 -0.33 9.61
CA CYS A 3 -0.02 -0.94 8.29
C CYS A 3 0.02 -2.46 8.46
N LYS A 4 -0.72 -3.20 7.61
CA LYS A 4 -0.94 -4.62 7.79
C LYS A 4 0.34 -5.43 7.55
N VAL A 5 1.15 -5.02 6.56
CA VAL A 5 2.39 -5.68 6.17
C VAL A 5 3.36 -5.70 7.34
N CYS A 6 3.83 -4.50 7.74
CA CYS A 6 4.79 -4.35 8.82
C CYS A 6 4.15 -4.48 10.21
N ARG A 7 2.81 -4.54 10.28
CA ARG A 7 2.02 -4.75 11.50
C ARG A 7 2.52 -3.90 12.68
N LYS A 8 2.76 -2.62 12.39
CA LYS A 8 3.45 -1.70 13.28
C LYS A 8 3.29 -0.29 12.71
N LYS A 9 3.27 0.72 13.58
CA LYS A 9 3.35 2.11 13.17
C LYS A 9 4.75 2.39 12.65
N GLY A 10 4.85 3.03 11.49
CA GLY A 10 6.10 3.17 10.74
C GLY A 10 6.26 4.60 10.24
N GLU A 11 6.94 4.75 9.10
CA GLU A 11 7.01 6.00 8.36
C GLU A 11 5.65 6.22 7.68
N ASP A 12 4.73 6.87 8.38
CA ASP A 12 3.35 7.01 7.97
C ASP A 12 3.23 8.18 6.98
N ASP A 13 3.86 8.03 5.82
CA ASP A 13 3.74 8.93 4.68
C ASP A 13 2.31 8.91 4.15
N LYS A 14 1.93 7.79 3.53
CA LYS A 14 0.66 7.61 2.84
C LYS A 14 0.27 6.14 2.96
N LEU A 15 -0.51 5.82 4.00
CA LEU A 15 -1.14 4.53 4.13
C LEU A 15 -2.27 4.43 3.11
N ILE A 16 -1.92 4.00 1.89
CA ILE A 16 -2.88 3.65 0.86
C ILE A 16 -3.61 2.37 1.28
N LEU A 17 -4.93 2.45 1.42
CA LEU A 17 -5.77 1.27 1.58
C LEU A 17 -6.01 0.69 0.19
N CYS A 18 -5.82 -0.62 0.02
CA CYS A 18 -6.09 -1.28 -1.25
C CYS A 18 -7.60 -1.24 -1.51
N ASP A 19 -7.99 -0.75 -2.69
CA ASP A 19 -9.39 -0.57 -3.05
C ASP A 19 -10.16 -1.88 -2.96
N GLU A 20 -9.55 -2.94 -3.50
CA GLU A 20 -10.16 -4.25 -3.67
C GLU A 20 -10.47 -4.89 -2.32
N CYS A 21 -9.42 -5.16 -1.52
CA CYS A 21 -9.54 -5.97 -0.30
C CYS A 21 -9.56 -5.15 0.98
N ASN A 22 -9.34 -3.83 0.91
CA ASN A 22 -9.45 -2.90 2.03
C ASN A 22 -8.43 -3.25 3.13
N LYS A 23 -7.13 -3.09 2.80
CA LYS A 23 -6.02 -3.40 3.67
C LYS A 23 -5.00 -2.27 3.58
N ALA A 24 -4.56 -1.77 4.75
CA ALA A 24 -3.73 -0.59 4.88
C ALA A 24 -2.26 -0.92 4.57
N PHE A 25 -1.68 -0.16 3.65
CA PHE A 25 -0.38 -0.42 3.05
C PHE A 25 0.36 0.91 2.92
N HIS A 26 1.56 1.03 3.50
CA HIS A 26 2.41 2.18 3.19
C HIS A 26 2.79 2.05 1.71
N LEU A 27 2.96 3.17 1.00
CA LEU A 27 3.54 3.14 -0.33
C LEU A 27 4.93 2.49 -0.32
N PHE A 28 5.71 2.71 0.76
CA PHE A 28 6.95 2.01 1.02
C PHE A 28 6.77 0.48 0.95
N CYS A 29 5.78 -0.04 1.68
CA CYS A 29 5.48 -1.48 1.73
C CYS A 29 4.97 -1.96 0.37
N LEU A 30 4.19 -1.15 -0.32
CA LEU A 30 3.50 -1.52 -1.55
C LEU A 30 4.48 -1.49 -2.72
N ARG A 31 4.85 -0.28 -3.15
CA ARG A 31 5.75 0.00 -4.27
C ARG A 31 6.45 1.34 -3.97
N PRO A 32 7.68 1.34 -3.42
CA PRO A 32 8.32 2.56 -2.92
C PRO A 32 8.55 3.57 -4.05
N ALA A 33 8.85 3.08 -5.26
CA ALA A 33 8.95 3.89 -6.48
C ALA A 33 7.74 4.79 -6.71
N LEU A 34 6.54 4.29 -6.39
CA LEU A 34 5.33 5.11 -6.35
C LEU A 34 5.32 5.86 -5.02
N TYR A 35 6.04 6.99 -4.94
CA TYR A 35 6.12 7.82 -3.75
C TYR A 35 4.80 8.54 -3.44
N GLU A 36 3.95 8.73 -4.46
CA GLU A 36 2.58 9.20 -4.31
C GLU A 36 1.61 8.14 -4.84
N VAL A 37 0.32 8.34 -4.56
CA VAL A 37 -0.72 7.34 -4.79
C VAL A 37 -0.90 7.12 -6.30
N PRO A 38 -0.93 5.86 -6.77
CA PRO A 38 -1.32 5.54 -8.13
C PRO A 38 -2.86 5.54 -8.20
N ASP A 39 -3.43 6.65 -8.67
CA ASP A 39 -4.86 6.79 -8.90
C ASP A 39 -5.25 6.06 -10.19
N GLY A 40 -5.15 4.72 -10.14
CA GLY A 40 -5.44 3.84 -11.25
C GLY A 40 -5.14 2.41 -10.83
N GLU A 41 -3.86 2.13 -10.57
CA GLU A 41 -3.37 0.83 -10.15
C GLU A 41 -3.51 0.72 -8.62
N TRP A 42 -4.71 0.94 -8.10
CA TRP A 42 -4.99 1.10 -6.68
C TRP A 42 -5.18 -0.28 -6.03
N GLN A 43 -4.13 -1.11 -6.06
CA GLN A 43 -4.15 -2.49 -5.60
C GLN A 43 -2.80 -2.82 -4.97
N CYS A 44 -2.83 -3.52 -3.83
CA CYS A 44 -1.66 -4.10 -3.18
C CYS A 44 -1.17 -5.31 -4.00
N PRO A 45 0.11 -5.73 -3.86
CA PRO A 45 0.78 -6.69 -4.74
C PRO A 45 -0.05 -7.92 -5.15
N ALA A 46 -0.79 -8.53 -4.22
CA ALA A 46 -1.52 -9.76 -4.45
C ALA A 46 -2.73 -9.49 -5.35
N CYS A 47 -3.43 -8.38 -5.08
CA CYS A 47 -4.53 -7.89 -5.88
C CYS A 47 -4.06 -7.38 -7.25
N GLN A 48 -2.87 -6.77 -7.28
CA GLN A 48 -2.32 -6.07 -8.43
C GLN A 48 -1.99 -7.10 -9.53
N PRO A 49 -2.38 -6.85 -10.79
CA PRO A 49 -1.92 -7.64 -11.93
C PRO A 49 -0.40 -7.61 -12.07
N ALA A 50 0.20 -8.80 -12.19
CA ALA A 50 1.60 -8.97 -12.55
C ALA A 50 1.77 -10.31 -13.27
N THR A 51 2.81 -10.41 -14.12
CA THR A 51 3.16 -11.62 -14.85
C THR A 51 4.66 -11.62 -15.10
ZN ZN B . 3.79 -0.72 6.38
ZN ZN C . -5.52 -5.85 -2.01
N ALA A 1 -4.72 5.74 10.11
CA ALA A 1 -4.71 4.27 10.01
C ALA A 1 -3.26 3.74 10.05
N ARG A 2 -3.10 2.42 9.98
CA ARG A 2 -1.80 1.75 10.06
C ARG A 2 -1.82 0.51 9.16
N CYS A 3 -0.69 0.25 8.51
CA CYS A 3 -0.50 -0.72 7.45
C CYS A 3 -0.61 -2.15 7.98
N LYS A 4 -1.04 -3.08 7.09
CA LYS A 4 -1.10 -4.50 7.35
C LYS A 4 0.30 -5.10 7.51
N VAL A 5 1.13 -4.95 6.47
CA VAL A 5 2.42 -5.61 6.29
C VAL A 5 3.30 -5.43 7.54
N CYS A 6 3.76 -4.20 7.80
CA CYS A 6 4.63 -3.90 8.92
C CYS A 6 3.81 -3.76 10.21
N ARG A 7 2.79 -2.87 10.19
CA ARG A 7 1.96 -2.51 11.33
C ARG A 7 2.72 -1.83 12.48
N LYS A 8 4.04 -1.64 12.35
CA LYS A 8 4.93 -1.19 13.42
C LYS A 8 5.96 -0.24 12.80
N LYS A 9 5.48 0.91 12.31
CA LYS A 9 6.25 1.84 11.50
C LYS A 9 5.69 3.24 11.72
N GLY A 10 6.55 4.17 12.14
CA GLY A 10 6.17 5.52 12.54
C GLY A 10 5.64 6.32 11.35
N GLU A 11 6.15 6.03 10.15
CA GLU A 11 5.92 6.79 8.93
C GLU A 11 4.54 6.46 8.36
N ASP A 12 3.48 6.89 9.06
CA ASP A 12 2.12 6.84 8.55
C ASP A 12 1.87 8.05 7.64
N ASP A 13 2.67 8.14 6.57
CA ASP A 13 2.76 9.29 5.69
C ASP A 13 1.72 9.14 4.57
N LYS A 14 1.91 8.10 3.75
CA LYS A 14 1.16 7.86 2.52
C LYS A 14 0.70 6.41 2.53
N LEU A 15 -0.35 6.14 3.31
CA LEU A 15 -1.05 4.86 3.26
C LEU A 15 -1.91 4.76 2.00
N ILE A 16 -2.30 3.54 1.68
CA ILE A 16 -2.97 3.17 0.44
C ILE A 16 -3.68 1.84 0.70
N LEU A 17 -5.02 1.88 0.76
CA LEU A 17 -5.87 0.71 0.80
C LEU A 17 -5.92 0.04 -0.57
N CYS A 18 -6.12 -1.28 -0.60
CA CYS A 18 -6.41 -1.99 -1.83
C CYS A 18 -7.80 -1.62 -2.34
N ASP A 19 -7.95 -1.45 -3.65
CA ASP A 19 -9.22 -1.15 -4.28
C ASP A 19 -10.28 -2.20 -3.96
N GLU A 20 -9.89 -3.47 -4.09
CA GLU A 20 -10.76 -4.62 -4.04
C GLU A 20 -11.04 -5.02 -2.59
N CYS A 21 -10.00 -5.49 -1.88
CA CYS A 21 -10.14 -6.11 -0.57
C CYS A 21 -9.89 -5.16 0.60
N ASN A 22 -9.51 -3.89 0.34
CA ASN A 22 -9.46 -2.83 1.34
C ASN A 22 -8.55 -3.22 2.51
N LYS A 23 -7.36 -3.73 2.19
CA LYS A 23 -6.28 -4.00 3.12
C LYS A 23 -5.25 -2.88 3.02
N ALA A 24 -4.76 -2.40 4.17
CA ALA A 24 -3.93 -1.20 4.24
C ALA A 24 -2.48 -1.53 3.91
N PHE A 25 -1.84 -0.67 3.12
CA PHE A 25 -0.43 -0.75 2.76
C PHE A 25 0.18 0.65 2.79
N HIS A 26 1.52 0.71 2.77
CA HIS A 26 2.28 1.93 2.53
C HIS A 26 2.86 1.82 1.12
N LEU A 27 3.16 2.96 0.50
CA LEU A 27 3.93 2.99 -0.73
C LEU A 27 5.29 2.31 -0.52
N PHE A 28 5.91 2.57 0.63
CA PHE A 28 7.10 1.89 1.15
C PHE A 28 7.01 0.38 0.98
N CYS A 29 5.90 -0.22 1.44
CA CYS A 29 5.73 -1.66 1.52
C CYS A 29 5.43 -2.25 0.14
N LEU A 30 4.67 -1.51 -0.69
CA LEU A 30 4.28 -1.95 -2.03
C LEU A 30 5.43 -1.79 -3.02
N ARG A 31 5.76 -0.53 -3.33
CA ARG A 31 6.65 -0.12 -4.39
C ARG A 31 7.45 1.09 -3.89
N PRO A 32 8.54 0.89 -3.14
CA PRO A 32 9.23 1.96 -2.43
C PRO A 32 9.78 3.04 -3.39
N ALA A 33 10.12 2.66 -4.63
CA ALA A 33 10.49 3.58 -5.69
C ALA A 33 9.43 4.66 -5.95
N LEU A 34 8.15 4.27 -5.91
CA LEU A 34 7.03 5.20 -6.05
C LEU A 34 6.84 5.94 -4.73
N TYR A 35 7.07 7.26 -4.74
CA TYR A 35 7.11 8.10 -3.55
C TYR A 35 5.76 8.79 -3.32
N GLU A 36 5.07 9.16 -4.40
CA GLU A 36 3.80 9.87 -4.37
C GLU A 36 2.63 8.90 -4.50
N VAL A 37 1.45 9.31 -4.04
CA VAL A 37 0.24 8.49 -4.05
C VAL A 37 -0.27 8.33 -5.48
N PRO A 38 -0.64 7.12 -5.92
CA PRO A 38 -1.33 6.90 -7.17
C PRO A 38 -2.84 7.06 -6.95
N ASP A 39 -3.43 8.10 -7.55
CA ASP A 39 -4.86 8.31 -7.62
C ASP A 39 -5.48 7.36 -8.65
N GLY A 40 -5.46 6.06 -8.35
CA GLY A 40 -6.08 5.02 -9.16
C GLY A 40 -6.38 3.78 -8.32
N GLU A 41 -7.08 2.82 -8.93
CA GLU A 41 -7.65 1.66 -8.27
C GLU A 41 -6.57 0.59 -8.07
N TRP A 42 -5.79 0.72 -6.99
CA TRP A 42 -4.59 -0.08 -6.78
C TRP A 42 -4.95 -1.50 -6.33
N GLN A 43 -4.67 -2.48 -7.19
CA GLN A 43 -4.71 -3.89 -6.86
C GLN A 43 -3.44 -4.24 -6.09
N CYS A 44 -3.58 -4.88 -4.92
CA CYS A 44 -2.47 -5.20 -4.03
C CYS A 44 -1.81 -6.51 -4.47
N PRO A 45 -0.68 -6.92 -3.87
CA PRO A 45 0.06 -8.13 -4.25
C PRO A 45 -0.77 -9.42 -4.26
N ALA A 46 -1.83 -9.51 -3.44
CA ALA A 46 -2.74 -10.63 -3.46
C ALA A 46 -3.56 -10.62 -4.76
N CYS A 47 -4.08 -9.45 -5.13
CA CYS A 47 -5.05 -9.32 -6.21
C CYS A 47 -4.36 -9.31 -7.57
N GLN A 48 -3.34 -8.45 -7.73
CA GLN A 48 -2.72 -8.17 -9.01
C GLN A 48 -1.91 -9.38 -9.51
N PRO A 49 -1.84 -9.60 -10.82
CA PRO A 49 -1.06 -10.67 -11.41
C PRO A 49 0.44 -10.34 -11.39
N ALA A 50 1.28 -11.32 -11.73
CA ALA A 50 2.73 -11.21 -11.67
C ALA A 50 3.27 -10.53 -12.94
N THR A 51 2.81 -9.31 -13.20
CA THR A 51 3.19 -8.49 -14.34
C THR A 51 2.71 -7.05 -14.11
ZN ZN B . 3.64 -0.69 5.98
ZN ZN C . -6.17 -6.65 -2.58
N ALA A 1 1.80 3.51 9.92
CA ALA A 1 0.59 3.03 10.62
C ALA A 1 0.32 1.57 10.27
N ARG A 2 -0.95 1.16 10.20
CA ARG A 2 -1.35 -0.22 9.93
C ARG A 2 -1.00 -0.57 8.49
N CYS A 3 -0.29 -1.69 8.30
CA CYS A 3 0.23 -2.13 7.02
C CYS A 3 0.39 -3.64 7.07
N LYS A 4 0.00 -4.33 5.99
CA LYS A 4 0.10 -5.78 5.86
C LYS A 4 1.53 -6.24 6.14
N VAL A 5 2.49 -5.62 5.45
CA VAL A 5 3.88 -6.04 5.40
C VAL A 5 4.56 -5.80 6.75
N CYS A 6 4.78 -4.54 7.11
CA CYS A 6 5.61 -4.16 8.25
C CYS A 6 4.77 -3.92 9.51
N ARG A 7 3.59 -3.28 9.36
CA ARG A 7 2.76 -2.82 10.46
C ARG A 7 3.56 -1.95 11.44
N LYS A 8 4.17 -0.86 10.94
CA LYS A 8 4.98 0.06 11.73
C LYS A 8 4.28 1.41 11.82
N LYS A 9 3.90 1.80 13.05
CA LYS A 9 3.45 3.16 13.32
C LYS A 9 4.70 4.04 13.49
N GLY A 10 4.81 5.08 12.67
CA GLY A 10 6.02 5.88 12.55
C GLY A 10 6.02 6.56 11.20
N GLU A 11 6.06 5.76 10.13
CA GLU A 11 5.84 6.23 8.77
C GLU A 11 4.35 6.41 8.53
N ASP A 12 3.72 7.28 9.31
CA ASP A 12 2.30 7.60 9.23
C ASP A 12 2.14 8.71 8.17
N ASP A 13 2.60 8.41 6.96
CA ASP A 13 2.76 9.37 5.88
C ASP A 13 1.45 9.58 5.12
N LYS A 14 1.13 8.66 4.20
CA LYS A 14 -0.11 8.70 3.43
C LYS A 14 -0.45 7.29 2.93
N LEU A 15 -0.89 6.42 3.85
CA LEU A 15 -1.07 5.00 3.58
C LEU A 15 -2.24 4.77 2.61
N ILE A 16 -2.19 3.62 1.93
CA ILE A 16 -3.14 3.21 0.91
C ILE A 16 -3.85 1.94 1.38
N LEU A 17 -5.19 1.99 1.38
CA LEU A 17 -6.04 0.82 1.58
C LEU A 17 -6.49 0.35 0.19
N CYS A 18 -6.48 -0.96 -0.03
CA CYS A 18 -6.68 -1.53 -1.35
C CYS A 18 -8.13 -1.33 -1.81
N ASP A 19 -8.31 -0.99 -3.10
CA ASP A 19 -9.62 -0.70 -3.67
C ASP A 19 -10.56 -1.89 -3.52
N GLU A 20 -10.04 -3.10 -3.80
CA GLU A 20 -10.81 -4.32 -3.88
C GLU A 20 -11.18 -4.83 -2.49
N CYS A 21 -10.18 -5.08 -1.63
CA CYS A 21 -10.35 -5.79 -0.36
C CYS A 21 -9.94 -4.97 0.87
N ASN A 22 -9.70 -3.65 0.73
CA ASN A 22 -9.52 -2.72 1.84
C ASN A 22 -8.26 -2.97 2.68
N LYS A 23 -7.37 -3.87 2.28
CA LYS A 23 -6.18 -4.23 3.05
C LYS A 23 -5.21 -3.05 3.06
N ALA A 24 -4.70 -2.70 4.25
CA ALA A 24 -3.88 -1.52 4.48
C ALA A 24 -2.43 -1.79 4.10
N PHE A 25 -1.76 -0.78 3.56
CA PHE A 25 -0.44 -0.88 2.96
C PHE A 25 0.22 0.49 2.89
N HIS A 26 1.56 0.50 2.82
CA HIS A 26 2.34 1.69 2.51
C HIS A 26 2.63 1.65 1.01
N LEU A 27 2.75 2.82 0.39
CA LEU A 27 3.24 2.94 -0.98
C LEU A 27 4.62 2.29 -1.08
N PHE A 28 5.49 2.56 -0.08
CA PHE A 28 6.83 1.99 0.05
C PHE A 28 6.79 0.46 -0.06
N CYS A 29 5.98 -0.17 0.79
CA CYS A 29 5.98 -1.61 0.98
C CYS A 29 5.39 -2.32 -0.23
N LEU A 30 4.47 -1.66 -0.95
CA LEU A 30 4.00 -2.13 -2.25
C LEU A 30 5.13 -2.04 -3.29
N ARG A 31 5.49 -0.81 -3.68
CA ARG A 31 6.54 -0.53 -4.64
C ARG A 31 7.46 0.55 -4.05
N PRO A 32 8.76 0.28 -3.85
CA PRO A 32 9.65 1.17 -3.11
C PRO A 32 9.73 2.56 -3.77
N ALA A 33 9.73 2.60 -5.11
CA ALA A 33 9.80 3.83 -5.89
C ALA A 33 8.53 4.69 -5.75
N LEU A 34 7.38 4.08 -5.45
CA LEU A 34 6.18 4.82 -5.09
C LEU A 34 6.32 5.29 -3.64
N TYR A 35 6.39 6.61 -3.46
CA TYR A 35 6.31 7.28 -2.17
C TYR A 35 4.95 7.97 -2.07
N GLU A 36 4.62 8.75 -3.10
CA GLU A 36 3.30 9.32 -3.31
C GLU A 36 2.38 8.28 -3.96
N VAL A 37 1.08 8.59 -3.97
CA VAL A 37 0.05 7.71 -4.51
C VAL A 37 0.18 7.60 -6.04
N PRO A 38 -0.33 6.51 -6.65
CA PRO A 38 -0.47 6.39 -8.09
C PRO A 38 -1.70 7.17 -8.56
N ASP A 39 -1.76 7.43 -9.88
CA ASP A 39 -2.78 8.27 -10.51
C ASP A 39 -4.04 7.45 -10.82
N GLY A 40 -4.53 6.71 -9.82
CA GLY A 40 -5.64 5.78 -9.97
C GLY A 40 -5.67 4.81 -8.78
N GLU A 41 -6.58 3.84 -8.85
CA GLU A 41 -6.64 2.70 -7.94
C GLU A 41 -5.38 1.84 -8.09
N TRP A 42 -5.07 1.05 -7.05
CA TRP A 42 -4.05 0.02 -7.11
C TRP A 42 -4.48 -1.18 -6.26
N GLN A 43 -4.72 -2.31 -6.94
CA GLN A 43 -4.94 -3.59 -6.30
C GLN A 43 -3.63 -4.09 -5.70
N CYS A 44 -3.69 -4.56 -4.44
CA CYS A 44 -2.53 -4.96 -3.65
C CYS A 44 -2.05 -6.35 -4.10
N PRO A 45 -0.81 -6.77 -3.77
CA PRO A 45 -0.26 -8.05 -4.20
C PRO A 45 -0.96 -9.27 -3.59
N ALA A 46 -1.93 -9.08 -2.68
CA ALA A 46 -2.79 -10.15 -2.22
C ALA A 46 -3.84 -10.46 -3.29
N CYS A 47 -4.33 -9.42 -3.99
CA CYS A 47 -5.18 -9.58 -5.16
C CYS A 47 -4.35 -10.07 -6.35
N GLN A 48 -3.31 -9.30 -6.71
CA GLN A 48 -2.56 -9.50 -7.94
C GLN A 48 -1.59 -10.68 -7.80
N PRO A 49 -1.10 -11.23 -8.92
CA PRO A 49 -0.02 -12.19 -8.91
C PRO A 49 1.27 -11.58 -8.32
N ALA A 50 1.62 -11.99 -7.10
CA ALA A 50 2.90 -11.68 -6.48
C ALA A 50 4.00 -12.56 -7.08
N THR A 51 4.32 -12.29 -8.36
CA THR A 51 5.17 -13.13 -9.19
C THR A 51 6.10 -12.22 -10.01
ZN ZN B . 4.46 -0.91 5.53
ZN ZN C . -6.34 -6.12 -2.29
#